data_5O0U
# 
_entry.id   5O0U 
# 
_audit_conform.dict_name       mmcif_pdbx.dic 
_audit_conform.dict_version    5.397 
_audit_conform.dict_location   http://mmcif.pdb.org/dictionaries/ascii/mmcif_pdbx.dic 
# 
loop_
_database_2.database_id 
_database_2.database_code 
_database_2.pdbx_database_accession 
_database_2.pdbx_DOI 
PDB   5O0U         pdb_00005o0u 10.2210/pdb5o0u/pdb 
WWPDB D_1200004443 ?            ?                   
# 
loop_
_pdbx_audit_revision_history.ordinal 
_pdbx_audit_revision_history.data_content_type 
_pdbx_audit_revision_history.major_revision 
_pdbx_audit_revision_history.minor_revision 
_pdbx_audit_revision_history.revision_date 
1 'Structure model' 1 0 2017-09-13 
2 'Structure model' 1 1 2019-03-27 
3 'Structure model' 1 2 2024-10-16 
# 
_pdbx_audit_revision_details.ordinal             1 
_pdbx_audit_revision_details.revision_ordinal    1 
_pdbx_audit_revision_details.data_content_type   'Structure model' 
_pdbx_audit_revision_details.provider            repository 
_pdbx_audit_revision_details.type                'Initial release' 
_pdbx_audit_revision_details.description         ? 
_pdbx_audit_revision_details.details             ? 
# 
loop_
_pdbx_audit_revision_group.ordinal 
_pdbx_audit_revision_group.revision_ordinal 
_pdbx_audit_revision_group.data_content_type 
_pdbx_audit_revision_group.group 
1 2 'Structure model' 'Data collection'     
2 2 'Structure model' 'Database references' 
3 3 'Structure model' 'Data collection'     
4 3 'Structure model' 'Database references' 
5 3 'Structure model' 'Structure summary'   
# 
loop_
_pdbx_audit_revision_category.ordinal 
_pdbx_audit_revision_category.revision_ordinal 
_pdbx_audit_revision_category.data_content_type 
_pdbx_audit_revision_category.category 
1 2 'Structure model' citation                  
2 2 'Structure model' citation_author           
3 2 'Structure model' pdbx_database_proc        
4 3 'Structure model' chem_comp_atom            
5 3 'Structure model' chem_comp_bond            
6 3 'Structure model' database_2                
7 3 'Structure model' pdbx_entry_details        
8 3 'Structure model' pdbx_modification_feature 
# 
loop_
_pdbx_audit_revision_item.ordinal 
_pdbx_audit_revision_item.revision_ordinal 
_pdbx_audit_revision_item.data_content_type 
_pdbx_audit_revision_item.item 
1  2 'Structure model' '_citation.country'                   
2  2 'Structure model' '_citation.journal_abbrev'            
3  2 'Structure model' '_citation.journal_id_ASTM'           
4  2 'Structure model' '_citation.journal_id_CSD'            
5  2 'Structure model' '_citation.journal_id_ISSN'           
6  2 'Structure model' '_citation.journal_volume'            
7  2 'Structure model' '_citation.page_first'                
8  2 'Structure model' '_citation.page_last'                 
9  2 'Structure model' '_citation.pdbx_database_id_DOI'      
10 2 'Structure model' '_citation.pdbx_database_id_PubMed'   
11 2 'Structure model' '_citation.title'                     
12 2 'Structure model' '_citation.year'                      
13 3 'Structure model' '_database_2.pdbx_DOI'                
14 3 'Structure model' '_database_2.pdbx_database_accession' 
# 
_pdbx_database_status.status_code                     REL 
_pdbx_database_status.status_code_sf                  REL 
_pdbx_database_status.status_code_mr                  ? 
_pdbx_database_status.entry_id                        5O0U 
_pdbx_database_status.recvd_initial_deposition_date   2017-05-17 
_pdbx_database_status.SG_entry                        N 
_pdbx_database_status.deposit_site                    PDBE 
_pdbx_database_status.process_site                    PDBE 
_pdbx_database_status.status_code_cs                  ? 
_pdbx_database_status.methods_development_category    ? 
_pdbx_database_status.pdb_format_compatible           Y 
_pdbx_database_status.status_code_nmr_data            ? 
# 
loop_
_audit_author.name 
_audit_author.pdbx_ordinal 
_audit_author.identifier_ORCID 
'Tabor, A.'    1 ? 
'McCarthy, S.' 2 ? 
'Reyes, F.E.'  3 ? 
# 
_citation.abstract                  ? 
_citation.abstract_id_CAS           ? 
_citation.book_id_ISBN              ? 
_citation.book_publisher            ? 
_citation.book_publisher_city       ? 
_citation.book_title                ? 
_citation.coordinate_linkage        ? 
_citation.country                   US 
_citation.database_id_Medline       ? 
_citation.details                   ? 
_citation.id                        primary 
_citation.journal_abbrev            J.Am.Chem.Soc. 
_citation.journal_id_ASTM           JACSAT 
_citation.journal_id_CSD            ? 
_citation.journal_id_ISSN           1520-5126 
_citation.journal_full              ? 
_citation.journal_issue             ? 
_citation.journal_volume            139 
_citation.language                  ? 
_citation.page_first                13063 
_citation.page_last                 13075 
_citation.title                     
;The Role of Disulfide Bond Replacements in Analogues of the Tarantula Toxin ProTx-II and Their Effects on Inhibition of the Voltage-Gated Sodium Ion Channel Nav1.7.
;
_citation.year                      2017 
_citation.database_id_CSD           ? 
_citation.pdbx_database_id_DOI      10.1021/jacs.7b06506 
_citation.pdbx_database_id_PubMed   28880078 
_citation.unpublished_flag          ? 
# 
loop_
_citation_author.citation_id 
_citation_author.name 
_citation_author.ordinal 
_citation_author.identifier_ORCID 
primary 'Wright, Z.V.F.'       1  ?                   
primary 'McCarthy, S.'         2  ?                   
primary 'Dickman, R.'          3  ?                   
primary 'Reyes, F.E.'          4  ?                   
primary 'Sanchez-Martinez, S.' 5  ?                   
primary 'Cryar, A.'            6  ?                   
primary 'Kilford, I.'          7  ?                   
primary 'Hall, A.'             8  ?                   
primary 'Takle, A.K.'          9  ?                   
primary 'Topf, M.'             10 ?                   
primary 'Gonen, T.'            11 ?                   
primary 'Thalassinos, K.'      12 ?                   
primary 'Tabor, A.B.'          13 0000-0001-8216-0347 
# 
loop_
_entity.id 
_entity.type 
_entity.src_method 
_entity.pdbx_description 
_entity.formula_weight 
_entity.pdbx_number_of_molecules 
_entity.pdbx_ec 
_entity.pdbx_mutation 
_entity.pdbx_fragment 
_entity.details 
1 polymer     syn Beta/omega-theraphotoxin-Tp2a 3839.687 1  ? ? ? ? 
2 non-polymer syn 'CHLORIDE ION'                35.453   2  ? ? ? ? 
3 non-polymer syn 1,2-ETHANEDIOL                62.068   2  ? ? ? ? 
4 water       nat water                         18.015   54 ? ? ? ? 
# 
_entity_name_com.entity_id   1 
_entity_name_com.name        Beta/omega-TRTX-Tp2a,ProTx-II,PT-II,Protoxin-2,ProTx2 
# 
_entity_poly.entity_id                      1 
_entity_poly.type                           'polypeptide(L)' 
_entity_poly.nstd_linkage                   no 
_entity_poly.nstd_monomer                   no 
_entity_poly.pdbx_seq_one_letter_code       YCQKWMWTCDSERKCCEGMVCRLWCKKKLW 
_entity_poly.pdbx_seq_one_letter_code_can   YCQKWMWTCDSERKCCEGMVCRLWCKKKLW 
_entity_poly.pdbx_strand_id                 A 
_entity_poly.pdbx_target_identifier         ? 
# 
loop_
_pdbx_entity_nonpoly.entity_id 
_pdbx_entity_nonpoly.name 
_pdbx_entity_nonpoly.comp_id 
2 'CHLORIDE ION' CL  
3 1,2-ETHANEDIOL EDO 
4 water          HOH 
# 
loop_
_entity_poly_seq.entity_id 
_entity_poly_seq.num 
_entity_poly_seq.mon_id 
_entity_poly_seq.hetero 
1 1  TYR n 
1 2  CYS n 
1 3  GLN n 
1 4  LYS n 
1 5  TRP n 
1 6  MET n 
1 7  TRP n 
1 8  THR n 
1 9  CYS n 
1 10 ASP n 
1 11 SER n 
1 12 GLU n 
1 13 ARG n 
1 14 LYS n 
1 15 CYS n 
1 16 CYS n 
1 17 GLU n 
1 18 GLY n 
1 19 MET n 
1 20 VAL n 
1 21 CYS n 
1 22 ARG n 
1 23 LEU n 
1 24 TRP n 
1 25 CYS n 
1 26 LYS n 
1 27 LYS n 
1 28 LYS n 
1 29 LEU n 
1 30 TRP n 
# 
_pdbx_entity_src_syn.entity_id              1 
_pdbx_entity_src_syn.pdbx_src_id            1 
_pdbx_entity_src_syn.pdbx_alt_source_flag   sample 
_pdbx_entity_src_syn.pdbx_beg_seq_num       1 
_pdbx_entity_src_syn.pdbx_end_seq_num       30 
_pdbx_entity_src_syn.organism_scientific    'Thrixopelma pruriens' 
_pdbx_entity_src_syn.organism_common_name   'green velvet' 
_pdbx_entity_src_syn.ncbi_taxonomy_id       213387 
_pdbx_entity_src_syn.details                ? 
# 
loop_
_chem_comp.id 
_chem_comp.type 
_chem_comp.mon_nstd_flag 
_chem_comp.name 
_chem_comp.pdbx_synonyms 
_chem_comp.formula 
_chem_comp.formula_weight 
ARG 'L-peptide linking' y ARGININE        ?                 'C6 H15 N4 O2 1' 175.209 
ASP 'L-peptide linking' y 'ASPARTIC ACID' ?                 'C4 H7 N O4'     133.103 
CL  non-polymer         . 'CHLORIDE ION'  ?                 'Cl -1'          35.453  
CYS 'L-peptide linking' y CYSTEINE        ?                 'C3 H7 N O2 S'   121.158 
EDO non-polymer         . 1,2-ETHANEDIOL  'ETHYLENE GLYCOL' 'C2 H6 O2'       62.068  
GLN 'L-peptide linking' y GLUTAMINE       ?                 'C5 H10 N2 O3'   146.144 
GLU 'L-peptide linking' y 'GLUTAMIC ACID' ?                 'C5 H9 N O4'     147.129 
GLY 'peptide linking'   y GLYCINE         ?                 'C2 H5 N O2'     75.067  
HOH non-polymer         . WATER           ?                 'H2 O'           18.015  
LEU 'L-peptide linking' y LEUCINE         ?                 'C6 H13 N O2'    131.173 
LYS 'L-peptide linking' y LYSINE          ?                 'C6 H15 N2 O2 1' 147.195 
MET 'L-peptide linking' y METHIONINE      ?                 'C5 H11 N O2 S'  149.211 
SER 'L-peptide linking' y SERINE          ?                 'C3 H7 N O3'     105.093 
THR 'L-peptide linking' y THREONINE       ?                 'C4 H9 N O3'     119.119 
TRP 'L-peptide linking' y TRYPTOPHAN      ?                 'C11 H12 N2 O2'  204.225 
TYR 'L-peptide linking' y TYROSINE        ?                 'C9 H11 N O3'    181.189 
VAL 'L-peptide linking' y VALINE          ?                 'C5 H11 N O2'    117.146 
# 
loop_
_pdbx_poly_seq_scheme.asym_id 
_pdbx_poly_seq_scheme.entity_id 
_pdbx_poly_seq_scheme.seq_id 
_pdbx_poly_seq_scheme.mon_id 
_pdbx_poly_seq_scheme.ndb_seq_num 
_pdbx_poly_seq_scheme.pdb_seq_num 
_pdbx_poly_seq_scheme.auth_seq_num 
_pdbx_poly_seq_scheme.pdb_mon_id 
_pdbx_poly_seq_scheme.auth_mon_id 
_pdbx_poly_seq_scheme.pdb_strand_id 
_pdbx_poly_seq_scheme.pdb_ins_code 
_pdbx_poly_seq_scheme.hetero 
A 1 1  TYR 1  1001 1001 TYR TYR A . n 
A 1 2  CYS 2  1002 1002 CYS CYS A . n 
A 1 3  GLN 3  1003 1003 GLN GLN A . n 
A 1 4  LYS 4  1004 1004 LYS LYS A . n 
A 1 5  TRP 5  1005 1005 TRP TRP A . n 
A 1 6  MET 6  1006 1006 MET MET A . n 
A 1 7  TRP 7  1007 1007 TRP TRP A . n 
A 1 8  THR 8  1008 1008 THR THR A . n 
A 1 9  CYS 9  1009 1009 CYS CYS A . n 
A 1 10 ASP 10 1010 1010 ASP ASP A . n 
A 1 11 SER 11 1011 1011 SER SER A . n 
A 1 12 GLU 12 1012 1012 GLU GLU A . n 
A 1 13 ARG 13 1013 1013 ARG ARG A . n 
A 1 14 LYS 14 1014 1014 LYS LYS A . n 
A 1 15 CYS 15 1015 1015 CYS CYS A . n 
A 1 16 CYS 16 1016 1016 CYS CYS A . n 
A 1 17 GLU 17 1017 1017 GLU GLU A . n 
A 1 18 GLY 18 1018 1018 GLY GLY A . n 
A 1 19 MET 19 1019 1019 MET MET A . n 
A 1 20 VAL 20 1020 1020 VAL VAL A . n 
A 1 21 CYS 21 1021 1021 CYS CYS A . n 
A 1 22 ARG 22 1022 1022 ARG ARG A . n 
A 1 23 LEU 23 1023 1023 LEU LEU A . n 
A 1 24 TRP 24 1024 1024 TRP TRP A . n 
A 1 25 CYS 25 1025 1025 CYS CYS A . n 
A 1 26 LYS 26 1026 1026 LYS LYS A . n 
A 1 27 LYS 27 1027 1027 LYS LYS A . n 
A 1 28 LYS 28 1028 1028 LYS LYS A . n 
A 1 29 LEU 29 1029 1029 LEU LEU A . n 
A 1 30 TRP 30 1030 1030 TRP TRP A . n 
# 
loop_
_pdbx_nonpoly_scheme.asym_id 
_pdbx_nonpoly_scheme.entity_id 
_pdbx_nonpoly_scheme.mon_id 
_pdbx_nonpoly_scheme.ndb_seq_num 
_pdbx_nonpoly_scheme.pdb_seq_num 
_pdbx_nonpoly_scheme.auth_seq_num 
_pdbx_nonpoly_scheme.pdb_mon_id 
_pdbx_nonpoly_scheme.auth_mon_id 
_pdbx_nonpoly_scheme.pdb_strand_id 
_pdbx_nonpoly_scheme.pdb_ins_code 
B 2 CL  1  1101 2030 CL  CL  A . 
C 2 CL  1  1102 2031 CL  CL  A . 
D 3 EDO 1  1103 2045 EDO EDO A . 
E 3 EDO 1  1104 2046 EDO EDO A . 
F 4 HOH 1  1201 2052 HOH HOH A . 
F 4 HOH 2  1202 2059 HOH HOH A . 
F 4 HOH 3  1203 2070 HOH HOH A . 
F 4 HOH 4  1204 2013 HOH HOH A . 
F 4 HOH 5  1205 2062 HOH HOH A . 
F 4 HOH 6  1206 2023 HOH HOH A . 
F 4 HOH 7  1207 2010 HOH HOH A . 
F 4 HOH 8  1208 2038 HOH HOH A . 
F 4 HOH 9  1209 2014 HOH HOH A . 
F 4 HOH 10 1210 2075 HOH HOH A . 
F 4 HOH 11 1211 2022 HOH HOH A . 
F 4 HOH 12 1212 2011 HOH HOH A . 
F 4 HOH 13 1213 2005 HOH HOH A . 
F 4 HOH 14 1214 2069 HOH HOH A . 
F 4 HOH 15 1215 2039 HOH HOH A . 
F 4 HOH 16 1216 2025 HOH HOH A . 
F 4 HOH 17 1217 2006 HOH HOH A . 
F 4 HOH 18 1218 2078 HOH HOH A . 
F 4 HOH 19 1219 2019 HOH HOH A . 
F 4 HOH 20 1220 2012 HOH HOH A . 
F 4 HOH 21 1221 2020 HOH HOH A . 
F 4 HOH 22 1222 2021 HOH HOH A . 
F 4 HOH 23 1223 2063 HOH HOH A . 
F 4 HOH 24 1224 2042 HOH HOH A . 
F 4 HOH 25 1225 2056 HOH HOH A . 
F 4 HOH 26 1226 2072 HOH HOH A . 
F 4 HOH 27 1227 2068 HOH HOH A . 
F 4 HOH 28 1228 2081 HOH HOH A . 
F 4 HOH 29 1229 2077 HOH HOH A . 
F 4 HOH 30 1230 2058 HOH HOH A . 
F 4 HOH 31 1231 2076 HOH HOH A . 
F 4 HOH 32 1232 2044 HOH HOH A . 
F 4 HOH 33 1233 2060 HOH HOH A . 
F 4 HOH 34 1234 2066 HOH HOH A . 
F 4 HOH 35 1235 2064 HOH HOH A . 
F 4 HOH 36 1236 2074 HOH HOH A . 
F 4 HOH 37 1237 2036 HOH HOH A . 
F 4 HOH 38 1238 2065 HOH HOH A . 
F 4 HOH 39 1239 2071 HOH HOH A . 
F 4 HOH 40 1240 2073 HOH HOH A . 
F 4 HOH 41 1241 2035 HOH HOH A . 
F 4 HOH 42 1242 2082 HOH HOH A . 
F 4 HOH 43 1243 2027 HOH HOH A . 
F 4 HOH 44 1244 2080 HOH HOH A . 
F 4 HOH 45 1245 2016 HOH HOH A . 
F 4 HOH 46 1246 2034 HOH HOH A . 
F 4 HOH 47 1247 2061 HOH HOH A . 
F 4 HOH 48 1248 2084 HOH HOH A . 
F 4 HOH 49 1249 2041 HOH HOH A . 
F 4 HOH 50 1250 2037 HOH HOH A . 
F 4 HOH 51 1251 2079 HOH HOH A . 
F 4 HOH 52 1252 2083 HOH HOH A . 
F 4 HOH 53 1253 2043 HOH HOH A . 
F 4 HOH 54 1254 2067 HOH HOH A . 
# 
loop_
_pdbx_unobs_or_zero_occ_atoms.id 
_pdbx_unobs_or_zero_occ_atoms.PDB_model_num 
_pdbx_unobs_or_zero_occ_atoms.polymer_flag 
_pdbx_unobs_or_zero_occ_atoms.occupancy_flag 
_pdbx_unobs_or_zero_occ_atoms.auth_asym_id 
_pdbx_unobs_or_zero_occ_atoms.auth_comp_id 
_pdbx_unobs_or_zero_occ_atoms.auth_seq_id 
_pdbx_unobs_or_zero_occ_atoms.PDB_ins_code 
_pdbx_unobs_or_zero_occ_atoms.auth_atom_id 
_pdbx_unobs_or_zero_occ_atoms.label_alt_id 
_pdbx_unobs_or_zero_occ_atoms.label_asym_id 
_pdbx_unobs_or_zero_occ_atoms.label_comp_id 
_pdbx_unobs_or_zero_occ_atoms.label_seq_id 
_pdbx_unobs_or_zero_occ_atoms.label_atom_id 
1 1 Y 1 A LYS 1026 ? CD ? A LYS 26 CD 
2 1 Y 1 A LYS 1026 ? CE ? A LYS 26 CE 
3 1 Y 1 A LYS 1026 ? NZ ? A LYS 26 NZ 
4 1 Y 1 A LYS 1027 ? CE ? A LYS 27 CE 
5 1 Y 1 A LYS 1027 ? NZ ? A LYS 27 NZ 
# 
loop_
_software.citation_id 
_software.classification 
_software.compiler_name 
_software.compiler_version 
_software.contact_author 
_software.contact_author_email 
_software.date 
_software.description 
_software.dependencies 
_software.hardware 
_software.language 
_software.location 
_software.mods 
_software.name 
_software.os 
_software.os_version 
_software.type 
_software.version 
_software.pdbx_ordinal 
? refinement ? ? ? ? ? ? ? ? ? ? ? REFMAC ? ? ? 5.8.0158 1 
? refinement ? ? ? ? ? ? ? ? ? ? ? SHELXL ? ? ? 2016/6   2 
? phasing    ? ? ? ? ? ? ? ? ? ? ? SHARP  ? ? ? 2.8.5    3 
# 
_cell.angle_alpha                  90.00 
_cell.angle_alpha_esd              ? 
_cell.angle_beta                   90.00 
_cell.angle_beta_esd               ? 
_cell.angle_gamma                  120.00 
_cell.angle_gamma_esd              ? 
_cell.entry_id                     5O0U 
_cell.details                      ? 
_cell.formula_units_Z              ? 
_cell.length_a                     37.669 
_cell.length_a_esd                 ? 
_cell.length_b                     37.669 
_cell.length_b_esd                 ? 
_cell.length_c                     103.944 
_cell.length_c_esd                 ? 
_cell.volume                       ? 
_cell.volume_esd                   ? 
_cell.Z_PDB                        18 
_cell.reciprocal_angle_alpha       ? 
_cell.reciprocal_angle_beta        ? 
_cell.reciprocal_angle_gamma       ? 
_cell.reciprocal_angle_alpha_esd   ? 
_cell.reciprocal_angle_beta_esd    ? 
_cell.reciprocal_angle_gamma_esd   ? 
_cell.reciprocal_length_a          ? 
_cell.reciprocal_length_b          ? 
_cell.reciprocal_length_c          ? 
_cell.reciprocal_length_a_esd      ? 
_cell.reciprocal_length_b_esd      ? 
_cell.reciprocal_length_c_esd      ? 
_cell.pdbx_unique_axis             ? 
# 
_symmetry.entry_id                         5O0U 
_symmetry.cell_setting                     ? 
_symmetry.Int_Tables_number                155 
_symmetry.space_group_name_Hall            ? 
_symmetry.space_group_name_H-M             'H 3 2' 
_symmetry.pdbx_full_space_group_name_H-M   ? 
# 
_exptl.absorpt_coefficient_mu     ? 
_exptl.absorpt_correction_T_max   ? 
_exptl.absorpt_correction_T_min   ? 
_exptl.absorpt_correction_type    ? 
_exptl.absorpt_process_details    ? 
_exptl.entry_id                   5O0U 
_exptl.crystals_number            1 
_exptl.details                    ? 
_exptl.method                     'X-RAY DIFFRACTION' 
_exptl.method_details             ? 
# 
_exptl_crystal.colour                      ? 
_exptl_crystal.density_diffrn              ? 
_exptl_crystal.density_Matthews            1.85 
_exptl_crystal.density_method              ? 
_exptl_crystal.density_percent_sol         33.45 
_exptl_crystal.description                 ? 
_exptl_crystal.F_000                       ? 
_exptl_crystal.id                          1 
_exptl_crystal.preparation                 ? 
_exptl_crystal.size_max                    ? 
_exptl_crystal.size_mid                    ? 
_exptl_crystal.size_min                    ? 
_exptl_crystal.size_rad                    ? 
_exptl_crystal.colour_lustre               ? 
_exptl_crystal.colour_modifier             ? 
_exptl_crystal.colour_primary              ? 
_exptl_crystal.density_meas                ? 
_exptl_crystal.density_meas_esd            ? 
_exptl_crystal.density_meas_gt             ? 
_exptl_crystal.density_meas_lt             ? 
_exptl_crystal.density_meas_temp           ? 
_exptl_crystal.density_meas_temp_esd       ? 
_exptl_crystal.density_meas_temp_gt        ? 
_exptl_crystal.density_meas_temp_lt        ? 
_exptl_crystal.pdbx_crystal_image_url      ? 
_exptl_crystal.pdbx_crystal_image_format   ? 
_exptl_crystal.pdbx_mosaicity              ? 
_exptl_crystal.pdbx_mosaicity_esd          ? 
# 
_exptl_crystal_grow.apparatus       ? 
_exptl_crystal_grow.atmosphere      ? 
_exptl_crystal_grow.crystal_id      1 
_exptl_crystal_grow.details         ? 
_exptl_crystal_grow.method          'VAPOR DIFFUSION, HANGING DROP' 
_exptl_crystal_grow.method_ref      ? 
_exptl_crystal_grow.pH              ? 
_exptl_crystal_grow.pressure        ? 
_exptl_crystal_grow.pressure_esd    ? 
_exptl_crystal_grow.seeding         ? 
_exptl_crystal_grow.seeding_ref     ? 
_exptl_crystal_grow.temp            293 
_exptl_crystal_grow.temp_details    ? 
_exptl_crystal_grow.temp_esd        ? 
_exptl_crystal_grow.time            ? 
_exptl_crystal_grow.pdbx_details    '2M lithium sulfate, 100 mM Tris-HCl (pH 8), 2% v/v PEG 400' 
_exptl_crystal_grow.pdbx_pH_range   ? 
# 
_diffrn.ambient_environment    ? 
_diffrn.ambient_temp           93 
_diffrn.ambient_temp_details   ? 
_diffrn.ambient_temp_esd       ? 
_diffrn.crystal_id             1 
_diffrn.crystal_support        ? 
_diffrn.crystal_treatment      ? 
_diffrn.details                ? 
_diffrn.id                     1 
_diffrn.ambient_pressure       ? 
_diffrn.ambient_pressure_esd   ? 
_diffrn.ambient_pressure_gt    ? 
_diffrn.ambient_pressure_lt    ? 
_diffrn.ambient_temp_gt        ? 
_diffrn.ambient_temp_lt        ? 
# 
_diffrn_detector.details                      ? 
_diffrn_detector.detector                     PIXEL 
_diffrn_detector.diffrn_id                    1 
_diffrn_detector.type                         'DECTRIS PILATUS3 S 6M' 
_diffrn_detector.area_resol_mean              ? 
_diffrn_detector.dtime                        ? 
_diffrn_detector.pdbx_frames_total            ? 
_diffrn_detector.pdbx_collection_time_total   ? 
_diffrn_detector.pdbx_collection_date         2016-07-28 
# 
_diffrn_radiation.collimation                      ? 
_diffrn_radiation.diffrn_id                        1 
_diffrn_radiation.filter_edge                      ? 
_diffrn_radiation.inhomogeneity                    ? 
_diffrn_radiation.monochromator                    ? 
_diffrn_radiation.polarisn_norm                    ? 
_diffrn_radiation.polarisn_ratio                   ? 
_diffrn_radiation.probe                            ? 
_diffrn_radiation.type                             ? 
_diffrn_radiation.xray_symbol                      ? 
_diffrn_radiation.wavelength_id                    1 
_diffrn_radiation.pdbx_monochromatic_or_laue_m_l   M 
_diffrn_radiation.pdbx_wavelength_list             ? 
_diffrn_radiation.pdbx_wavelength                  ? 
_diffrn_radiation.pdbx_diffrn_protocol             'SINGLE WAVELENGTH' 
_diffrn_radiation.pdbx_analyzer                    ? 
_diffrn_radiation.pdbx_scattering_type             x-ray 
# 
_diffrn_radiation_wavelength.id           1 
_diffrn_radiation_wavelength.wavelength   1.0000 
_diffrn_radiation_wavelength.wt           1.0 
# 
_diffrn_source.current                     ? 
_diffrn_source.details                     ? 
_diffrn_source.diffrn_id                   1 
_diffrn_source.power                       ? 
_diffrn_source.size                        ? 
_diffrn_source.source                      SYNCHROTRON 
_diffrn_source.target                      ? 
_diffrn_source.type                        'ALS BEAMLINE 5.0.2' 
_diffrn_source.voltage                     ? 
_diffrn_source.take-off_angle              ? 
_diffrn_source.pdbx_wavelength_list        1.0000 
_diffrn_source.pdbx_wavelength             ? 
_diffrn_source.pdbx_synchrotron_beamline   5.0.2 
_diffrn_source.pdbx_synchrotron_site       ALS 
# 
_reflns.B_iso_Wilson_estimate            ? 
_reflns.entry_id                         5O0U 
_reflns.data_reduction_details           ? 
_reflns.data_reduction_method            ? 
_reflns.d_resolution_high                0.99 
_reflns.d_resolution_low                 34.67 
_reflns.details                          ? 
_reflns.limit_h_max                      ? 
_reflns.limit_h_min                      ? 
_reflns.limit_k_max                      ? 
_reflns.limit_k_min                      ? 
_reflns.limit_l_max                      ? 
_reflns.limit_l_min                      ? 
_reflns.number_all                       ? 
_reflns.number_obs                       14967 
_reflns.observed_criterion               ? 
_reflns.observed_criterion_F_max         ? 
_reflns.observed_criterion_F_min         ? 
_reflns.observed_criterion_I_max         ? 
_reflns.observed_criterion_I_min         ? 
_reflns.observed_criterion_sigma_F       ? 
_reflns.observed_criterion_sigma_I       ? 
_reflns.percent_possible_obs             92.9 
_reflns.R_free_details                   ? 
_reflns.Rmerge_F_all                     ? 
_reflns.Rmerge_F_obs                     ? 
_reflns.Friedel_coverage                 ? 
_reflns.number_gt                        ? 
_reflns.threshold_expression             ? 
_reflns.pdbx_redundancy                  8.7 
_reflns.pdbx_Rmerge_I_obs                0.062 
_reflns.pdbx_Rmerge_I_all                ? 
_reflns.pdbx_Rsym_value                  ? 
_reflns.pdbx_netI_over_av_sigmaI         ? 
_reflns.pdbx_netI_over_sigmaI            25.0 
_reflns.pdbx_res_netI_over_av_sigmaI_2   ? 
_reflns.pdbx_res_netI_over_sigmaI_2      ? 
_reflns.pdbx_chi_squared                 ? 
_reflns.pdbx_scaling_rejects             ? 
_reflns.pdbx_d_res_high_opt              ? 
_reflns.pdbx_d_res_low_opt               ? 
_reflns.pdbx_d_res_opt_method            ? 
_reflns.phase_calculation_details        ? 
_reflns.pdbx_Rrim_I_all                  ? 
_reflns.pdbx_Rpim_I_all                  0.020 
_reflns.pdbx_d_opt                       ? 
_reflns.pdbx_number_measured_all         ? 
_reflns.pdbx_diffrn_id                   1 
_reflns.pdbx_ordinal                     1 
_reflns.pdbx_CC_half                     0.998 
_reflns.pdbx_R_split                     ? 
# 
_reflns_shell.d_res_high                  0.993 
_reflns_shell.d_res_low                   1.010 
_reflns_shell.meanI_over_sigI_all         ? 
_reflns_shell.meanI_over_sigI_obs         ? 
_reflns_shell.number_measured_all         ? 
_reflns_shell.number_measured_obs         ? 
_reflns_shell.number_possible             ? 
_reflns_shell.number_unique_all           ? 
_reflns_shell.number_unique_obs           341 
_reflns_shell.percent_possible_all        43.3 
_reflns_shell.percent_possible_obs        ? 
_reflns_shell.Rmerge_F_all                ? 
_reflns_shell.Rmerge_F_obs                ? 
_reflns_shell.Rmerge_I_all                ? 
_reflns_shell.Rmerge_I_obs                0.496 
_reflns_shell.meanI_over_sigI_gt          ? 
_reflns_shell.meanI_over_uI_all           ? 
_reflns_shell.meanI_over_uI_gt            ? 
_reflns_shell.number_measured_gt          ? 
_reflns_shell.number_unique_gt            ? 
_reflns_shell.percent_possible_gt         ? 
_reflns_shell.Rmerge_F_gt                 ? 
_reflns_shell.Rmerge_I_gt                 ? 
_reflns_shell.pdbx_redundancy             3.4 
_reflns_shell.pdbx_Rsym_value             ? 
_reflns_shell.pdbx_chi_squared            ? 
_reflns_shell.pdbx_netI_over_sigmaI_all   ? 
_reflns_shell.pdbx_netI_over_sigmaI_obs   ? 
_reflns_shell.pdbx_Rrim_I_all             ? 
_reflns_shell.pdbx_Rpim_I_all             0.361 
_reflns_shell.pdbx_rejects                ? 
_reflns_shell.pdbx_ordinal                1 
_reflns_shell.pdbx_diffrn_id              1 
_reflns_shell.pdbx_CC_half                0.700 
_reflns_shell.pdbx_R_split                ? 
# 
_refine.aniso_B[1][1]                            -0.02 
_refine.aniso_B[1][2]                            -0.01 
_refine.aniso_B[1][3]                            0.00 
_refine.aniso_B[2][2]                            -0.02 
_refine.aniso_B[2][3]                            0.00 
_refine.aniso_B[3][3]                            0.06 
_refine.B_iso_max                                ? 
_refine.B_iso_mean                               13.675 
_refine.B_iso_min                                ? 
_refine.correlation_coeff_Fo_to_Fc               0.976 
_refine.correlation_coeff_Fo_to_Fc_free          0.973 
_refine.details                                  'HYDROGENS HAVE BEEN ADDED IN THE RIDING POSITIONS' 
_refine.diff_density_max                         ? 
_refine.diff_density_max_esd                     ? 
_refine.diff_density_min                         ? 
_refine.diff_density_min_esd                     ? 
_refine.diff_density_rms                         ? 
_refine.diff_density_rms_esd                     ? 
_refine.entry_id                                 5O0U 
_refine.pdbx_refine_id                           'X-RAY DIFFRACTION' 
_refine.ls_abs_structure_details                 ? 
_refine.ls_abs_structure_Flack                   ? 
_refine.ls_abs_structure_Flack_esd               ? 
_refine.ls_abs_structure_Rogers                  ? 
_refine.ls_abs_structure_Rogers_esd              ? 
_refine.ls_d_res_high                            0.99 
_refine.ls_d_res_low                             34.65 
_refine.ls_extinction_coef                       ? 
_refine.ls_extinction_coef_esd                   ? 
_refine.ls_extinction_expression                 ? 
_refine.ls_extinction_method                     ? 
_refine.ls_goodness_of_fit_all                   ? 
_refine.ls_goodness_of_fit_all_esd               ? 
_refine.ls_goodness_of_fit_obs                   ? 
_refine.ls_goodness_of_fit_obs_esd               ? 
_refine.ls_hydrogen_treatment                    ? 
_refine.ls_matrix_type                           ? 
_refine.ls_number_constraints                    ? 
_refine.ls_number_parameters                     ? 
_refine.ls_number_reflns_all                     ? 
_refine.ls_number_reflns_obs                     14235 
_refine.ls_number_reflns_R_free                  732 
_refine.ls_number_reflns_R_work                  ? 
_refine.ls_number_restraints                     ? 
_refine.ls_percent_reflns_obs                    92.88 
_refine.ls_percent_reflns_R_free                 4.9 
_refine.ls_R_factor_all                          ? 
_refine.ls_R_factor_obs                          0.12668 
_refine.ls_R_factor_R_free                       0.13985 
_refine.ls_R_factor_R_free_error                 ? 
_refine.ls_R_factor_R_free_error_details         ? 
_refine.ls_R_factor_R_work                       0.12601 
_refine.ls_R_Fsqd_factor_obs                     ? 
_refine.ls_R_I_factor_obs                        ? 
_refine.ls_redundancy_reflns_all                 ? 
_refine.ls_redundancy_reflns_obs                 ? 
_refine.ls_restrained_S_all                      ? 
_refine.ls_restrained_S_obs                      ? 
_refine.ls_shift_over_esd_max                    ? 
_refine.ls_shift_over_esd_mean                   ? 
_refine.ls_structure_factor_coef                 ? 
_refine.ls_weighting_details                     ? 
_refine.ls_weighting_scheme                      ? 
_refine.ls_wR_factor_all                         ? 
_refine.ls_wR_factor_obs                         ? 
_refine.ls_wR_factor_R_free                      ? 
_refine.ls_wR_factor_R_work                      ? 
_refine.occupancy_max                            ? 
_refine.occupancy_min                            ? 
_refine.solvent_model_details                    ? 
_refine.solvent_model_param_bsol                 ? 
_refine.solvent_model_param_ksol                 ? 
_refine.ls_R_factor_gt                           ? 
_refine.ls_goodness_of_fit_gt                    ? 
_refine.ls_goodness_of_fit_ref                   ? 
_refine.ls_shift_over_su_max                     ? 
_refine.ls_shift_over_su_max_lt                  ? 
_refine.ls_shift_over_su_mean                    ? 
_refine.ls_shift_over_su_mean_lt                 ? 
_refine.pdbx_ls_sigma_I                          ? 
_refine.pdbx_ls_sigma_F                          ? 
_refine.pdbx_ls_sigma_Fsqd                       ? 
_refine.pdbx_data_cutoff_high_absF               ? 
_refine.pdbx_data_cutoff_high_rms_absF           ? 
_refine.pdbx_data_cutoff_low_absF                ? 
_refine.pdbx_isotropic_thermal_model             ? 
_refine.pdbx_ls_cross_valid_method               THROUGHOUT 
_refine.pdbx_method_to_determine_struct          SIRAS 
_refine.pdbx_starting_model                      ? 
_refine.pdbx_stereochemistry_target_values       ? 
_refine.pdbx_R_Free_selection_details            RANDOM 
_refine.pdbx_stereochem_target_val_spec_case     ? 
_refine.pdbx_overall_ESU_R                       0.022 
_refine.pdbx_overall_ESU_R_Free                  0.022 
_refine.pdbx_solvent_vdw_probe_radii             1.20 
_refine.pdbx_solvent_ion_probe_radii             0.80 
_refine.pdbx_solvent_shrinkage_radii             0.80 
_refine.pdbx_real_space_R                        ? 
_refine.pdbx_density_correlation                 ? 
_refine.pdbx_pd_number_of_powder_patterns        ? 
_refine.pdbx_pd_number_of_points                 ? 
_refine.pdbx_pd_meas_number_of_points            ? 
_refine.pdbx_pd_proc_ls_prof_R_factor            ? 
_refine.pdbx_pd_proc_ls_prof_wR_factor           ? 
_refine.pdbx_pd_Marquardt_correlation_coeff      ? 
_refine.pdbx_pd_Fsqrd_R_factor                   ? 
_refine.pdbx_pd_ls_matrix_band_width             ? 
_refine.pdbx_overall_phase_error                 ? 
_refine.pdbx_overall_SU_R_free_Cruickshank_DPI   ? 
_refine.pdbx_overall_SU_R_free_Blow_DPI          ? 
_refine.pdbx_overall_SU_R_Blow_DPI               ? 
_refine.pdbx_TLS_residual_ADP_flag               ? 
_refine.pdbx_diffrn_id                           1 
_refine.overall_SU_B                             0.528 
_refine.overall_SU_ML                            0.012 
_refine.overall_SU_R_Cruickshank_DPI             ? 
_refine.overall_SU_R_free                        ? 
_refine.overall_FOM_free_R_set                   ? 
_refine.overall_FOM_work_R_set                   ? 
_refine.pdbx_average_fsc_overall                 ? 
_refine.pdbx_average_fsc_work                    ? 
_refine.pdbx_average_fsc_free                    ? 
# 
_refine_hist.pdbx_refine_id                   'X-RAY DIFFRACTION' 
_refine_hist.cycle_id                         1 
_refine_hist.pdbx_number_atoms_protein        258 
_refine_hist.pdbx_number_atoms_nucleic_acid   0 
_refine_hist.pdbx_number_atoms_ligand         10 
_refine_hist.number_atoms_solvent             54 
_refine_hist.number_atoms_total               322 
_refine_hist.d_res_high                       0.99 
_refine_hist.d_res_low                        34.65 
# 
loop_
_refine_ls_restr.pdbx_refine_id 
_refine_ls_restr.criterion 
_refine_ls_restr.dev_ideal 
_refine_ls_restr.dev_ideal_target 
_refine_ls_restr.number 
_refine_ls_restr.rejects 
_refine_ls_restr.type 
_refine_ls_restr.weight 
_refine_ls_restr.pdbx_restraint_function 
'X-RAY DIFFRACTION' ? 0.017  0.020  283 ? r_bond_refined_d             ? ? 
'X-RAY DIFFRACTION' ? 0.003  0.020  249 ? r_bond_other_d               ? ? 
'X-RAY DIFFRACTION' ? 2.189  1.906  378 ? r_angle_refined_deg          ? ? 
'X-RAY DIFFRACTION' ? 3.505  3.000  576 ? r_angle_other_deg            ? ? 
'X-RAY DIFFRACTION' ? 6.192  5.000  29  ? r_dihedral_angle_1_deg       ? ? 
'X-RAY DIFFRACTION' ? 34.913 21.667 12  ? r_dihedral_angle_2_deg       ? ? 
'X-RAY DIFFRACTION' ? 11.000 15.000 53  ? r_dihedral_angle_3_deg       ? ? 
'X-RAY DIFFRACTION' ? 11.561 15.000 2   ? r_dihedral_angle_4_deg       ? ? 
'X-RAY DIFFRACTION' ? 0.109  0.200  33  ? r_chiral_restr               ? ? 
'X-RAY DIFFRACTION' ? 0.010  0.020  289 ? r_gen_planes_refined         ? ? 
'X-RAY DIFFRACTION' ? 0.003  0.020  69  ? r_gen_planes_other           ? ? 
'X-RAY DIFFRACTION' ? ?      ?      ?   ? r_nbd_refined                ? ? 
'X-RAY DIFFRACTION' ? ?      ?      ?   ? r_nbd_other                  ? ? 
'X-RAY DIFFRACTION' ? ?      ?      ?   ? r_nbtor_refined              ? ? 
'X-RAY DIFFRACTION' ? ?      ?      ?   ? r_nbtor_other                ? ? 
'X-RAY DIFFRACTION' ? ?      ?      ?   ? r_xyhbond_nbd_refined        ? ? 
'X-RAY DIFFRACTION' ? ?      ?      ?   ? r_xyhbond_nbd_other          ? ? 
'X-RAY DIFFRACTION' ? ?      ?      ?   ? r_metal_ion_refined          ? ? 
'X-RAY DIFFRACTION' ? ?      ?      ?   ? r_metal_ion_other            ? ? 
'X-RAY DIFFRACTION' ? ?      ?      ?   ? r_symmetry_vdw_refined       ? ? 
'X-RAY DIFFRACTION' ? ?      ?      ?   ? r_symmetry_vdw_other         ? ? 
'X-RAY DIFFRACTION' ? ?      ?      ?   ? r_symmetry_hbond_refined     ? ? 
'X-RAY DIFFRACTION' ? ?      ?      ?   ? r_symmetry_hbond_other       ? ? 
'X-RAY DIFFRACTION' ? ?      ?      ?   ? r_symmetry_metal_ion_refined ? ? 
'X-RAY DIFFRACTION' ? ?      ?      ?   ? r_symmetry_metal_ion_other   ? ? 
'X-RAY DIFFRACTION' ? 1.238  0.759  119 ? r_mcbond_it                  ? ? 
'X-RAY DIFFRACTION' ? 1.242  0.759  118 ? r_mcbond_other               ? ? 
'X-RAY DIFFRACTION' ? 1.471  1.151  147 ? r_mcangle_it                 ? ? 
'X-RAY DIFFRACTION' ? 1.467  1.150  148 ? r_mcangle_other              ? ? 
'X-RAY DIFFRACTION' ? 2.294  1.128  163 ? r_scbond_it                  ? ? 
'X-RAY DIFFRACTION' ? 2.289  1.135  164 ? r_scbond_other               ? ? 
'X-RAY DIFFRACTION' ? ?      ?      ?   ? r_scangle_it                 ? ? 
'X-RAY DIFFRACTION' ? 2.756  1.557  232 ? r_scangle_other              ? ? 
'X-RAY DIFFRACTION' ? 3.750  10.817 348 ? r_long_range_B_refined       ? ? 
'X-RAY DIFFRACTION' ? 3.734  10.626 347 ? r_long_range_B_other         ? ? 
'X-RAY DIFFRACTION' ? 2.904  3.000  528 ? r_rigid_bond_restr           ? ? 
'X-RAY DIFFRACTION' ? 44.705 5.000  37  ? r_sphericity_free            ? ? 
'X-RAY DIFFRACTION' ? 12.610 5.000  541 ? r_sphericity_bonded          ? ? 
# 
_refine_ls_shell.pdbx_refine_id                   'X-RAY DIFFRACTION' 
_refine_ls_shell.d_res_high                       0.993 
_refine_ls_shell.d_res_low                        1.019 
_refine_ls_shell.number_reflns_all                ? 
_refine_ls_shell.number_reflns_obs                ? 
_refine_ls_shell.number_reflns_R_free             23 
_refine_ls_shell.number_reflns_R_work             567 
_refine_ls_shell.percent_reflns_obs               50.00 
_refine_ls_shell.percent_reflns_R_free            ? 
_refine_ls_shell.R_factor_all                     ? 
_refine_ls_shell.R_factor_obs                     ? 
_refine_ls_shell.R_factor_R_free                  0.224 
_refine_ls_shell.R_factor_R_free_error            ? 
_refine_ls_shell.R_factor_R_work                  0.229 
_refine_ls_shell.redundancy_reflns_all            ? 
_refine_ls_shell.redundancy_reflns_obs            ? 
_refine_ls_shell.wR_factor_all                    ? 
_refine_ls_shell.wR_factor_obs                    ? 
_refine_ls_shell.wR_factor_R_free                 ? 
_refine_ls_shell.wR_factor_R_work                 ? 
_refine_ls_shell.pdbx_total_number_of_bins_used   20 
_refine_ls_shell.pdbx_phase_error                 ? 
_refine_ls_shell.pdbx_fsc_work                    ? 
_refine_ls_shell.pdbx_fsc_free                    ? 
# 
_struct.entry_id                     5O0U 
_struct.title                        'Crystal structure of tarantula venom peptide Protoxin-II' 
_struct.pdbx_model_details           ? 
_struct.pdbx_formula_weight          ? 
_struct.pdbx_formula_weight_method   ? 
_struct.pdbx_model_type_details      ? 
_struct.pdbx_CASP_flag               N 
# 
_struct_keywords.entry_id        5O0U 
_struct_keywords.text            'Inhibitor cystine knot, ion channel inhibitors, venom, toxin' 
_struct_keywords.pdbx_keywords   TOXIN 
# 
loop_
_struct_asym.id 
_struct_asym.pdbx_blank_PDB_chainid_flag 
_struct_asym.pdbx_modified 
_struct_asym.entity_id 
_struct_asym.details 
A N N 1 ? 
B N N 2 ? 
C N N 2 ? 
D N N 3 ? 
E N N 3 ? 
F N N 4 ? 
# 
_struct_ref.id                         1 
_struct_ref.db_name                    UNP 
_struct_ref.db_code                    TXPR2_THRPR 
_struct_ref.pdbx_db_accession          P83476 
_struct_ref.pdbx_db_isoform            ? 
_struct_ref.entity_id                  1 
_struct_ref.pdbx_seq_one_letter_code   YCQKWMWTCDSERKCCEGMVCRLWCKKKLW 
_struct_ref.pdbx_align_begin           1 
# 
_struct_ref_seq.align_id                      1 
_struct_ref_seq.ref_id                        1 
_struct_ref_seq.pdbx_PDB_id_code              5O0U 
_struct_ref_seq.pdbx_strand_id                A 
_struct_ref_seq.seq_align_beg                 1 
_struct_ref_seq.pdbx_seq_align_beg_ins_code   ? 
_struct_ref_seq.seq_align_end                 30 
_struct_ref_seq.pdbx_seq_align_end_ins_code   ? 
_struct_ref_seq.pdbx_db_accession             P83476 
_struct_ref_seq.db_align_beg                  1 
_struct_ref_seq.pdbx_db_align_beg_ins_code    ? 
_struct_ref_seq.db_align_end                  30 
_struct_ref_seq.pdbx_db_align_end_ins_code    ? 
_struct_ref_seq.pdbx_auth_seq_align_beg       1001 
_struct_ref_seq.pdbx_auth_seq_align_end       1030 
# 
_pdbx_struct_assembly.id                   1 
_pdbx_struct_assembly.details              author_and_software_defined_assembly 
_pdbx_struct_assembly.method_details       PISA 
_pdbx_struct_assembly.oligomeric_details   monomeric 
_pdbx_struct_assembly.oligomeric_count     1 
# 
loop_
_pdbx_struct_assembly_prop.biol_id 
_pdbx_struct_assembly_prop.type 
_pdbx_struct_assembly_prop.value 
_pdbx_struct_assembly_prop.details 
1 'ABSA (A^2)' 400  ? 
1 MORE         -14  ? 
1 'SSA (A^2)'  3160 ? 
# 
_pdbx_struct_assembly_gen.assembly_id       1 
_pdbx_struct_assembly_gen.oper_expression   1 
_pdbx_struct_assembly_gen.asym_id_list      A,B,C,D,E,F 
# 
_pdbx_struct_assembly_auth_evidence.id                     1 
_pdbx_struct_assembly_auth_evidence.assembly_id            1 
_pdbx_struct_assembly_auth_evidence.experimental_support   none 
_pdbx_struct_assembly_auth_evidence.details                ? 
# 
_pdbx_struct_oper_list.id                   1 
_pdbx_struct_oper_list.type                 'identity operation' 
_pdbx_struct_oper_list.name                 1_555 
_pdbx_struct_oper_list.symmetry_operation   x,y,z 
_pdbx_struct_oper_list.matrix[1][1]         1.0000000000 
_pdbx_struct_oper_list.matrix[1][2]         0.0000000000 
_pdbx_struct_oper_list.matrix[1][3]         0.0000000000 
_pdbx_struct_oper_list.vector[1]            0.0000000000 
_pdbx_struct_oper_list.matrix[2][1]         0.0000000000 
_pdbx_struct_oper_list.matrix[2][2]         1.0000000000 
_pdbx_struct_oper_list.matrix[2][3]         0.0000000000 
_pdbx_struct_oper_list.vector[2]            0.0000000000 
_pdbx_struct_oper_list.matrix[3][1]         0.0000000000 
_pdbx_struct_oper_list.matrix[3][2]         0.0000000000 
_pdbx_struct_oper_list.matrix[3][3]         1.0000000000 
_pdbx_struct_oper_list.vector[3]            0.0000000000 
# 
loop_
_struct_conn.id 
_struct_conn.conn_type_id 
_struct_conn.pdbx_leaving_atom_flag 
_struct_conn.pdbx_PDB_id 
_struct_conn.ptnr1_label_asym_id 
_struct_conn.ptnr1_label_comp_id 
_struct_conn.ptnr1_label_seq_id 
_struct_conn.ptnr1_label_atom_id 
_struct_conn.pdbx_ptnr1_label_alt_id 
_struct_conn.pdbx_ptnr1_PDB_ins_code 
_struct_conn.pdbx_ptnr1_standard_comp_id 
_struct_conn.ptnr1_symmetry 
_struct_conn.ptnr2_label_asym_id 
_struct_conn.ptnr2_label_comp_id 
_struct_conn.ptnr2_label_seq_id 
_struct_conn.ptnr2_label_atom_id 
_struct_conn.pdbx_ptnr2_label_alt_id 
_struct_conn.pdbx_ptnr2_PDB_ins_code 
_struct_conn.ptnr1_auth_asym_id 
_struct_conn.ptnr1_auth_comp_id 
_struct_conn.ptnr1_auth_seq_id 
_struct_conn.ptnr2_auth_asym_id 
_struct_conn.ptnr2_auth_comp_id 
_struct_conn.ptnr2_auth_seq_id 
_struct_conn.ptnr2_symmetry 
_struct_conn.pdbx_ptnr3_label_atom_id 
_struct_conn.pdbx_ptnr3_label_seq_id 
_struct_conn.pdbx_ptnr3_label_comp_id 
_struct_conn.pdbx_ptnr3_label_asym_id 
_struct_conn.pdbx_ptnr3_label_alt_id 
_struct_conn.pdbx_ptnr3_PDB_ins_code 
_struct_conn.details 
_struct_conn.pdbx_dist_value 
_struct_conn.pdbx_value_order 
_struct_conn.pdbx_role 
disulf1 disulf ? ? A CYS 2  SG ? ? ? 1_555 A CYS 16 SG ? ? A CYS 1002 A CYS 1016 1_555 ? ? ? ? ? ? ? 2.041 ? ? 
disulf2 disulf ? ? A CYS 9  SG ? ? ? 1_555 A CYS 21 SG ? ? A CYS 1009 A CYS 1021 1_555 ? ? ? ? ? ? ? 2.052 ? ? 
disulf3 disulf ? ? A CYS 15 SG ? ? ? 1_555 A CYS 25 SG ? ? A CYS 1015 A CYS 1025 1_555 ? ? ? ? ? ? ? 2.067 ? ? 
# 
_struct_conn_type.id          disulf 
_struct_conn_type.criteria    ? 
_struct_conn_type.reference   ? 
# 
loop_
_pdbx_modification_feature.ordinal 
_pdbx_modification_feature.label_comp_id 
_pdbx_modification_feature.label_asym_id 
_pdbx_modification_feature.label_seq_id 
_pdbx_modification_feature.label_alt_id 
_pdbx_modification_feature.modified_residue_label_comp_id 
_pdbx_modification_feature.modified_residue_label_asym_id 
_pdbx_modification_feature.modified_residue_label_seq_id 
_pdbx_modification_feature.modified_residue_label_alt_id 
_pdbx_modification_feature.auth_comp_id 
_pdbx_modification_feature.auth_asym_id 
_pdbx_modification_feature.auth_seq_id 
_pdbx_modification_feature.PDB_ins_code 
_pdbx_modification_feature.symmetry 
_pdbx_modification_feature.modified_residue_auth_comp_id 
_pdbx_modification_feature.modified_residue_auth_asym_id 
_pdbx_modification_feature.modified_residue_auth_seq_id 
_pdbx_modification_feature.modified_residue_PDB_ins_code 
_pdbx_modification_feature.modified_residue_symmetry 
_pdbx_modification_feature.comp_id_linking_atom 
_pdbx_modification_feature.modified_residue_id_linking_atom 
_pdbx_modification_feature.modified_residue_id 
_pdbx_modification_feature.ref_pcm_id 
_pdbx_modification_feature.ref_comp_id 
_pdbx_modification_feature.type 
_pdbx_modification_feature.category 
1 CYS A 2  ? CYS A 16 ? CYS A 1002 ? 1_555 CYS A 1016 ? 1_555 SG SG . . . None 'Disulfide bridge' 
2 CYS A 9  ? CYS A 21 ? CYS A 1009 ? 1_555 CYS A 1021 ? 1_555 SG SG . . . None 'Disulfide bridge' 
3 CYS A 15 ? CYS A 25 ? CYS A 1015 ? 1_555 CYS A 1025 ? 1_555 SG SG . . . None 'Disulfide bridge' 
# 
_struct_sheet.id               AA1 
_struct_sheet.type             ? 
_struct_sheet.number_strands   2 
_struct_sheet.details          ? 
# 
_struct_sheet_order.sheet_id     AA1 
_struct_sheet_order.range_id_1   1 
_struct_sheet_order.range_id_2   2 
_struct_sheet_order.offset       ? 
_struct_sheet_order.sense        anti-parallel 
# 
loop_
_struct_sheet_range.sheet_id 
_struct_sheet_range.id 
_struct_sheet_range.beg_label_comp_id 
_struct_sheet_range.beg_label_asym_id 
_struct_sheet_range.beg_label_seq_id 
_struct_sheet_range.pdbx_beg_PDB_ins_code 
_struct_sheet_range.end_label_comp_id 
_struct_sheet_range.end_label_asym_id 
_struct_sheet_range.end_label_seq_id 
_struct_sheet_range.pdbx_end_PDB_ins_code 
_struct_sheet_range.beg_auth_comp_id 
_struct_sheet_range.beg_auth_asym_id 
_struct_sheet_range.beg_auth_seq_id 
_struct_sheet_range.end_auth_comp_id 
_struct_sheet_range.end_auth_asym_id 
_struct_sheet_range.end_auth_seq_id 
AA1 1 MET A 19 ? CYS A 21 ? MET A 1019 CYS A 1021 
AA1 2 CYS A 25 ? LYS A 27 ? CYS A 1025 LYS A 1027 
# 
_pdbx_struct_sheet_hbond.sheet_id                AA1 
_pdbx_struct_sheet_hbond.range_id_1              1 
_pdbx_struct_sheet_hbond.range_id_2              2 
_pdbx_struct_sheet_hbond.range_1_label_atom_id   N 
_pdbx_struct_sheet_hbond.range_1_label_comp_id   VAL 
_pdbx_struct_sheet_hbond.range_1_label_asym_id   A 
_pdbx_struct_sheet_hbond.range_1_label_seq_id    20 
_pdbx_struct_sheet_hbond.range_1_PDB_ins_code    ? 
_pdbx_struct_sheet_hbond.range_1_auth_atom_id    N 
_pdbx_struct_sheet_hbond.range_1_auth_comp_id    VAL 
_pdbx_struct_sheet_hbond.range_1_auth_asym_id    A 
_pdbx_struct_sheet_hbond.range_1_auth_seq_id     1020 
_pdbx_struct_sheet_hbond.range_2_label_atom_id   O 
_pdbx_struct_sheet_hbond.range_2_label_comp_id   LYS 
_pdbx_struct_sheet_hbond.range_2_label_asym_id   A 
_pdbx_struct_sheet_hbond.range_2_label_seq_id    26 
_pdbx_struct_sheet_hbond.range_2_PDB_ins_code    ? 
_pdbx_struct_sheet_hbond.range_2_auth_atom_id    O 
_pdbx_struct_sheet_hbond.range_2_auth_comp_id    LYS 
_pdbx_struct_sheet_hbond.range_2_auth_asym_id    A 
_pdbx_struct_sheet_hbond.range_2_auth_seq_id     1026 
# 
loop_
_struct_site.id 
_struct_site.pdbx_evidence_code 
_struct_site.pdbx_auth_asym_id 
_struct_site.pdbx_auth_comp_id 
_struct_site.pdbx_auth_seq_id 
_struct_site.pdbx_auth_ins_code 
_struct_site.pdbx_num_residues 
_struct_site.details 
AC1 Software A CL  1101 ? 1 'binding site for residue CL A 1101'  
AC2 Software A CL  1102 ? 3 'binding site for residue CL A 1102'  
AC3 Software A EDO 1103 ? 4 'binding site for residue EDO A 1103' 
AC4 Software A EDO 1104 ? 3 'binding site for residue EDO A 1104' 
# 
loop_
_struct_site_gen.id 
_struct_site_gen.site_id 
_struct_site_gen.pdbx_num_res 
_struct_site_gen.label_comp_id 
_struct_site_gen.label_asym_id 
_struct_site_gen.label_seq_id 
_struct_site_gen.pdbx_auth_ins_code 
_struct_site_gen.auth_comp_id 
_struct_site_gen.auth_asym_id 
_struct_site_gen.auth_seq_id 
_struct_site_gen.label_atom_id 
_struct_site_gen.label_alt_id 
_struct_site_gen.symmetry 
_struct_site_gen.details 
1  AC1 1 ARG A 22 ? ARG A 1022 . ? 1_555  ? 
2  AC2 3 TRP A 5  ? TRP A 1005 . ? 1_555  ? 
3  AC2 3 HOH F .  ? HOH A 1232 . ? 1_555  ? 
4  AC2 3 HOH F .  ? HOH A 1246 . ? 1_555  ? 
5  AC3 4 MET A 6  ? MET A 1006 . ? 1_555  ? 
6  AC3 4 TRP A 24 ? TRP A 1024 . ? 17_555 ? 
7  AC3 4 HOH F .  ? HOH A 1227 . ? 3_665  ? 
8  AC3 4 HOH F .  ? HOH A 1230 . ? 18_655 ? 
9  AC4 3 TRP A 7  ? TRP A 1007 . ? 2_655  ? 
10 AC4 3 THR A 8  ? THR A 1008 . ? 2_655  ? 
11 AC4 3 THR A 8  ? THR A 1008 . ? 1_555  ? 
# 
_pdbx_entry_details.entry_id                   5O0U 
_pdbx_entry_details.compound_details           ? 
_pdbx_entry_details.source_details             ? 
_pdbx_entry_details.nonpolymer_details         ? 
_pdbx_entry_details.sequence_details           ? 
_pdbx_entry_details.has_ligand_of_interest     ? 
_pdbx_entry_details.has_protein_modification   Y 
# 
loop_
_pdbx_validate_close_contact.id 
_pdbx_validate_close_contact.PDB_model_num 
_pdbx_validate_close_contact.auth_atom_id_1 
_pdbx_validate_close_contact.auth_asym_id_1 
_pdbx_validate_close_contact.auth_comp_id_1 
_pdbx_validate_close_contact.auth_seq_id_1 
_pdbx_validate_close_contact.PDB_ins_code_1 
_pdbx_validate_close_contact.label_alt_id_1 
_pdbx_validate_close_contact.auth_atom_id_2 
_pdbx_validate_close_contact.auth_asym_id_2 
_pdbx_validate_close_contact.auth_comp_id_2 
_pdbx_validate_close_contact.auth_seq_id_2 
_pdbx_validate_close_contact.PDB_ins_code_2 
_pdbx_validate_close_contact.label_alt_id_2 
_pdbx_validate_close_contact.dist 
1 1 CL A CL  1102 ? ? O A HOH 1232 ? ? 1.53 
2 1 O  A HOH 1216 ? ? O A HOH 1233 ? ? 1.89 
# 
_pdbx_validate_rmsd_bond.id                        1 
_pdbx_validate_rmsd_bond.PDB_model_num             1 
_pdbx_validate_rmsd_bond.auth_atom_id_1            CG 
_pdbx_validate_rmsd_bond.auth_asym_id_1            A 
_pdbx_validate_rmsd_bond.auth_comp_id_1            TYR 
_pdbx_validate_rmsd_bond.auth_seq_id_1             1001 
_pdbx_validate_rmsd_bond.PDB_ins_code_1            ? 
_pdbx_validate_rmsd_bond.label_alt_id_1            B 
_pdbx_validate_rmsd_bond.auth_atom_id_2            CD2 
_pdbx_validate_rmsd_bond.auth_asym_id_2            A 
_pdbx_validate_rmsd_bond.auth_comp_id_2            TYR 
_pdbx_validate_rmsd_bond.auth_seq_id_2             1001 
_pdbx_validate_rmsd_bond.PDB_ins_code_2            ? 
_pdbx_validate_rmsd_bond.label_alt_id_2            B 
_pdbx_validate_rmsd_bond.bond_value                1.304 
_pdbx_validate_rmsd_bond.bond_target_value         1.387 
_pdbx_validate_rmsd_bond.bond_deviation            -0.083 
_pdbx_validate_rmsd_bond.bond_standard_deviation   0.013 
_pdbx_validate_rmsd_bond.linker_flag               N 
# 
loop_
_pdbx_validate_rmsd_angle.id 
_pdbx_validate_rmsd_angle.PDB_model_num 
_pdbx_validate_rmsd_angle.auth_atom_id_1 
_pdbx_validate_rmsd_angle.auth_asym_id_1 
_pdbx_validate_rmsd_angle.auth_comp_id_1 
_pdbx_validate_rmsd_angle.auth_seq_id_1 
_pdbx_validate_rmsd_angle.PDB_ins_code_1 
_pdbx_validate_rmsd_angle.label_alt_id_1 
_pdbx_validate_rmsd_angle.auth_atom_id_2 
_pdbx_validate_rmsd_angle.auth_asym_id_2 
_pdbx_validate_rmsd_angle.auth_comp_id_2 
_pdbx_validate_rmsd_angle.auth_seq_id_2 
_pdbx_validate_rmsd_angle.PDB_ins_code_2 
_pdbx_validate_rmsd_angle.label_alt_id_2 
_pdbx_validate_rmsd_angle.auth_atom_id_3 
_pdbx_validate_rmsd_angle.auth_asym_id_3 
_pdbx_validate_rmsd_angle.auth_comp_id_3 
_pdbx_validate_rmsd_angle.auth_seq_id_3 
_pdbx_validate_rmsd_angle.PDB_ins_code_3 
_pdbx_validate_rmsd_angle.label_alt_id_3 
_pdbx_validate_rmsd_angle.angle_value 
_pdbx_validate_rmsd_angle.angle_target_value 
_pdbx_validate_rmsd_angle.angle_deviation 
_pdbx_validate_rmsd_angle.angle_standard_deviation 
_pdbx_validate_rmsd_angle.linker_flag 
1 1 CA A TYR 1001 ? ? CB A TYR 1001 ? ? CG  A TYR 1001 ? A 128.56 113.40 15.16  1.90 N 
2 1 CA A TYR 1001 ? ? CB A TYR 1001 ? ? CG  A TYR 1001 ? B 97.61  113.40 -15.79 1.90 N 
3 1 CB A TYR 1001 ? ? CG A TYR 1001 ? B CD2 A TYR 1001 ? B 115.53 121.00 -5.47  0.60 N 
4 1 CB A TYR 1001 ? ? CG A TYR 1001 ? B CD1 A TYR 1001 ? B 125.52 121.00 4.52   0.60 N 
# 
_pdbx_validate_torsion.id              1 
_pdbx_validate_torsion.PDB_model_num   1 
_pdbx_validate_torsion.auth_comp_id    LEU 
_pdbx_validate_torsion.auth_asym_id    A 
_pdbx_validate_torsion.auth_seq_id     1023 
_pdbx_validate_torsion.PDB_ins_code    ? 
_pdbx_validate_torsion.label_alt_id    ? 
_pdbx_validate_torsion.phi             70.59 
_pdbx_validate_torsion.psi             -43.38 
# 
_pdbx_struct_special_symmetry.id              1 
_pdbx_struct_special_symmetry.PDB_model_num   1 
_pdbx_struct_special_symmetry.auth_asym_id    A 
_pdbx_struct_special_symmetry.auth_comp_id    HOH 
_pdbx_struct_special_symmetry.auth_seq_id     1229 
_pdbx_struct_special_symmetry.PDB_ins_code    ? 
_pdbx_struct_special_symmetry.label_asym_id   F 
_pdbx_struct_special_symmetry.label_comp_id   HOH 
_pdbx_struct_special_symmetry.label_seq_id    . 
# 
loop_
_pdbx_distant_solvent_atoms.id 
_pdbx_distant_solvent_atoms.PDB_model_num 
_pdbx_distant_solvent_atoms.auth_atom_id 
_pdbx_distant_solvent_atoms.label_alt_id 
_pdbx_distant_solvent_atoms.auth_asym_id 
_pdbx_distant_solvent_atoms.auth_comp_id 
_pdbx_distant_solvent_atoms.auth_seq_id 
_pdbx_distant_solvent_atoms.PDB_ins_code 
_pdbx_distant_solvent_atoms.neighbor_macromolecule_distance 
_pdbx_distant_solvent_atoms.neighbor_ligand_distance 
1 1 O ? A HOH 1250 ? 6.67  . 
2 1 O ? A HOH 1251 ? 6.78  . 
3 1 O ? A HOH 1252 ? 6.84  . 
4 1 O ? A HOH 1253 ? 7.23  . 
5 1 O ? A HOH 1254 ? 10.21 . 
# 
loop_
_chem_comp_atom.comp_id 
_chem_comp_atom.atom_id 
_chem_comp_atom.type_symbol 
_chem_comp_atom.pdbx_aromatic_flag 
_chem_comp_atom.pdbx_stereo_config 
_chem_comp_atom.pdbx_ordinal 
ARG N    N  N N 1   
ARG CA   C  N S 2   
ARG C    C  N N 3   
ARG O    O  N N 4   
ARG CB   C  N N 5   
ARG CG   C  N N 6   
ARG CD   C  N N 7   
ARG NE   N  N N 8   
ARG CZ   C  N N 9   
ARG NH1  N  N N 10  
ARG NH2  N  N N 11  
ARG OXT  O  N N 12  
ARG H    H  N N 13  
ARG H2   H  N N 14  
ARG HA   H  N N 15  
ARG HB2  H  N N 16  
ARG HB3  H  N N 17  
ARG HG2  H  N N 18  
ARG HG3  H  N N 19  
ARG HD2  H  N N 20  
ARG HD3  H  N N 21  
ARG HE   H  N N 22  
ARG HH11 H  N N 23  
ARG HH12 H  N N 24  
ARG HH21 H  N N 25  
ARG HH22 H  N N 26  
ARG HXT  H  N N 27  
ASP N    N  N N 28  
ASP CA   C  N S 29  
ASP C    C  N N 30  
ASP O    O  N N 31  
ASP CB   C  N N 32  
ASP CG   C  N N 33  
ASP OD1  O  N N 34  
ASP OD2  O  N N 35  
ASP OXT  O  N N 36  
ASP H    H  N N 37  
ASP H2   H  N N 38  
ASP HA   H  N N 39  
ASP HB2  H  N N 40  
ASP HB3  H  N N 41  
ASP HD2  H  N N 42  
ASP HXT  H  N N 43  
CL  CL   CL N N 44  
CYS N    N  N N 45  
CYS CA   C  N R 46  
CYS C    C  N N 47  
CYS O    O  N N 48  
CYS CB   C  N N 49  
CYS SG   S  N N 50  
CYS OXT  O  N N 51  
CYS H    H  N N 52  
CYS H2   H  N N 53  
CYS HA   H  N N 54  
CYS HB2  H  N N 55  
CYS HB3  H  N N 56  
CYS HG   H  N N 57  
CYS HXT  H  N N 58  
EDO C1   C  N N 59  
EDO O1   O  N N 60  
EDO C2   C  N N 61  
EDO O2   O  N N 62  
EDO H11  H  N N 63  
EDO H12  H  N N 64  
EDO HO1  H  N N 65  
EDO H21  H  N N 66  
EDO H22  H  N N 67  
EDO HO2  H  N N 68  
GLN N    N  N N 69  
GLN CA   C  N S 70  
GLN C    C  N N 71  
GLN O    O  N N 72  
GLN CB   C  N N 73  
GLN CG   C  N N 74  
GLN CD   C  N N 75  
GLN OE1  O  N N 76  
GLN NE2  N  N N 77  
GLN OXT  O  N N 78  
GLN H    H  N N 79  
GLN H2   H  N N 80  
GLN HA   H  N N 81  
GLN HB2  H  N N 82  
GLN HB3  H  N N 83  
GLN HG2  H  N N 84  
GLN HG3  H  N N 85  
GLN HE21 H  N N 86  
GLN HE22 H  N N 87  
GLN HXT  H  N N 88  
GLU N    N  N N 89  
GLU CA   C  N S 90  
GLU C    C  N N 91  
GLU O    O  N N 92  
GLU CB   C  N N 93  
GLU CG   C  N N 94  
GLU CD   C  N N 95  
GLU OE1  O  N N 96  
GLU OE2  O  N N 97  
GLU OXT  O  N N 98  
GLU H    H  N N 99  
GLU H2   H  N N 100 
GLU HA   H  N N 101 
GLU HB2  H  N N 102 
GLU HB3  H  N N 103 
GLU HG2  H  N N 104 
GLU HG3  H  N N 105 
GLU HE2  H  N N 106 
GLU HXT  H  N N 107 
GLY N    N  N N 108 
GLY CA   C  N N 109 
GLY C    C  N N 110 
GLY O    O  N N 111 
GLY OXT  O  N N 112 
GLY H    H  N N 113 
GLY H2   H  N N 114 
GLY HA2  H  N N 115 
GLY HA3  H  N N 116 
GLY HXT  H  N N 117 
HOH O    O  N N 118 
HOH H1   H  N N 119 
HOH H2   H  N N 120 
LEU N    N  N N 121 
LEU CA   C  N S 122 
LEU C    C  N N 123 
LEU O    O  N N 124 
LEU CB   C  N N 125 
LEU CG   C  N N 126 
LEU CD1  C  N N 127 
LEU CD2  C  N N 128 
LEU OXT  O  N N 129 
LEU H    H  N N 130 
LEU H2   H  N N 131 
LEU HA   H  N N 132 
LEU HB2  H  N N 133 
LEU HB3  H  N N 134 
LEU HG   H  N N 135 
LEU HD11 H  N N 136 
LEU HD12 H  N N 137 
LEU HD13 H  N N 138 
LEU HD21 H  N N 139 
LEU HD22 H  N N 140 
LEU HD23 H  N N 141 
LEU HXT  H  N N 142 
LYS N    N  N N 143 
LYS CA   C  N S 144 
LYS C    C  N N 145 
LYS O    O  N N 146 
LYS CB   C  N N 147 
LYS CG   C  N N 148 
LYS CD   C  N N 149 
LYS CE   C  N N 150 
LYS NZ   N  N N 151 
LYS OXT  O  N N 152 
LYS H    H  N N 153 
LYS H2   H  N N 154 
LYS HA   H  N N 155 
LYS HB2  H  N N 156 
LYS HB3  H  N N 157 
LYS HG2  H  N N 158 
LYS HG3  H  N N 159 
LYS HD2  H  N N 160 
LYS HD3  H  N N 161 
LYS HE2  H  N N 162 
LYS HE3  H  N N 163 
LYS HZ1  H  N N 164 
LYS HZ2  H  N N 165 
LYS HZ3  H  N N 166 
LYS HXT  H  N N 167 
MET N    N  N N 168 
MET CA   C  N S 169 
MET C    C  N N 170 
MET O    O  N N 171 
MET CB   C  N N 172 
MET CG   C  N N 173 
MET SD   S  N N 174 
MET CE   C  N N 175 
MET OXT  O  N N 176 
MET H    H  N N 177 
MET H2   H  N N 178 
MET HA   H  N N 179 
MET HB2  H  N N 180 
MET HB3  H  N N 181 
MET HG2  H  N N 182 
MET HG3  H  N N 183 
MET HE1  H  N N 184 
MET HE2  H  N N 185 
MET HE3  H  N N 186 
MET HXT  H  N N 187 
SER N    N  N N 188 
SER CA   C  N S 189 
SER C    C  N N 190 
SER O    O  N N 191 
SER CB   C  N N 192 
SER OG   O  N N 193 
SER OXT  O  N N 194 
SER H    H  N N 195 
SER H2   H  N N 196 
SER HA   H  N N 197 
SER HB2  H  N N 198 
SER HB3  H  N N 199 
SER HG   H  N N 200 
SER HXT  H  N N 201 
THR N    N  N N 202 
THR CA   C  N S 203 
THR C    C  N N 204 
THR O    O  N N 205 
THR CB   C  N R 206 
THR OG1  O  N N 207 
THR CG2  C  N N 208 
THR OXT  O  N N 209 
THR H    H  N N 210 
THR H2   H  N N 211 
THR HA   H  N N 212 
THR HB   H  N N 213 
THR HG1  H  N N 214 
THR HG21 H  N N 215 
THR HG22 H  N N 216 
THR HG23 H  N N 217 
THR HXT  H  N N 218 
TRP N    N  N N 219 
TRP CA   C  N S 220 
TRP C    C  N N 221 
TRP O    O  N N 222 
TRP CB   C  N N 223 
TRP CG   C  Y N 224 
TRP CD1  C  Y N 225 
TRP CD2  C  Y N 226 
TRP NE1  N  Y N 227 
TRP CE2  C  Y N 228 
TRP CE3  C  Y N 229 
TRP CZ2  C  Y N 230 
TRP CZ3  C  Y N 231 
TRP CH2  C  Y N 232 
TRP OXT  O  N N 233 
TRP H    H  N N 234 
TRP H2   H  N N 235 
TRP HA   H  N N 236 
TRP HB2  H  N N 237 
TRP HB3  H  N N 238 
TRP HD1  H  N N 239 
TRP HE1  H  N N 240 
TRP HE3  H  N N 241 
TRP HZ2  H  N N 242 
TRP HZ3  H  N N 243 
TRP HH2  H  N N 244 
TRP HXT  H  N N 245 
TYR N    N  N N 246 
TYR CA   C  N S 247 
TYR C    C  N N 248 
TYR O    O  N N 249 
TYR CB   C  N N 250 
TYR CG   C  Y N 251 
TYR CD1  C  Y N 252 
TYR CD2  C  Y N 253 
TYR CE1  C  Y N 254 
TYR CE2  C  Y N 255 
TYR CZ   C  Y N 256 
TYR OH   O  N N 257 
TYR OXT  O  N N 258 
TYR H    H  N N 259 
TYR H2   H  N N 260 
TYR HA   H  N N 261 
TYR HB2  H  N N 262 
TYR HB3  H  N N 263 
TYR HD1  H  N N 264 
TYR HD2  H  N N 265 
TYR HE1  H  N N 266 
TYR HE2  H  N N 267 
TYR HH   H  N N 268 
TYR HXT  H  N N 269 
VAL N    N  N N 270 
VAL CA   C  N S 271 
VAL C    C  N N 272 
VAL O    O  N N 273 
VAL CB   C  N N 274 
VAL CG1  C  N N 275 
VAL CG2  C  N N 276 
VAL OXT  O  N N 277 
VAL H    H  N N 278 
VAL H2   H  N N 279 
VAL HA   H  N N 280 
VAL HB   H  N N 281 
VAL HG11 H  N N 282 
VAL HG12 H  N N 283 
VAL HG13 H  N N 284 
VAL HG21 H  N N 285 
VAL HG22 H  N N 286 
VAL HG23 H  N N 287 
VAL HXT  H  N N 288 
# 
loop_
_chem_comp_bond.comp_id 
_chem_comp_bond.atom_id_1 
_chem_comp_bond.atom_id_2 
_chem_comp_bond.value_order 
_chem_comp_bond.pdbx_aromatic_flag 
_chem_comp_bond.pdbx_stereo_config 
_chem_comp_bond.pdbx_ordinal 
ARG N   CA   sing N N 1   
ARG N   H    sing N N 2   
ARG N   H2   sing N N 3   
ARG CA  C    sing N N 4   
ARG CA  CB   sing N N 5   
ARG CA  HA   sing N N 6   
ARG C   O    doub N N 7   
ARG C   OXT  sing N N 8   
ARG CB  CG   sing N N 9   
ARG CB  HB2  sing N N 10  
ARG CB  HB3  sing N N 11  
ARG CG  CD   sing N N 12  
ARG CG  HG2  sing N N 13  
ARG CG  HG3  sing N N 14  
ARG CD  NE   sing N N 15  
ARG CD  HD2  sing N N 16  
ARG CD  HD3  sing N N 17  
ARG NE  CZ   sing N N 18  
ARG NE  HE   sing N N 19  
ARG CZ  NH1  sing N N 20  
ARG CZ  NH2  doub N N 21  
ARG NH1 HH11 sing N N 22  
ARG NH1 HH12 sing N N 23  
ARG NH2 HH21 sing N N 24  
ARG NH2 HH22 sing N N 25  
ARG OXT HXT  sing N N 26  
ASP N   CA   sing N N 27  
ASP N   H    sing N N 28  
ASP N   H2   sing N N 29  
ASP CA  C    sing N N 30  
ASP CA  CB   sing N N 31  
ASP CA  HA   sing N N 32  
ASP C   O    doub N N 33  
ASP C   OXT  sing N N 34  
ASP CB  CG   sing N N 35  
ASP CB  HB2  sing N N 36  
ASP CB  HB3  sing N N 37  
ASP CG  OD1  doub N N 38  
ASP CG  OD2  sing N N 39  
ASP OD2 HD2  sing N N 40  
ASP OXT HXT  sing N N 41  
CYS N   CA   sing N N 42  
CYS N   H    sing N N 43  
CYS N   H2   sing N N 44  
CYS CA  C    sing N N 45  
CYS CA  CB   sing N N 46  
CYS CA  HA   sing N N 47  
CYS C   O    doub N N 48  
CYS C   OXT  sing N N 49  
CYS CB  SG   sing N N 50  
CYS CB  HB2  sing N N 51  
CYS CB  HB3  sing N N 52  
CYS SG  HG   sing N N 53  
CYS OXT HXT  sing N N 54  
EDO C1  O1   sing N N 55  
EDO C1  C2   sing N N 56  
EDO C1  H11  sing N N 57  
EDO C1  H12  sing N N 58  
EDO O1  HO1  sing N N 59  
EDO C2  O2   sing N N 60  
EDO C2  H21  sing N N 61  
EDO C2  H22  sing N N 62  
EDO O2  HO2  sing N N 63  
GLN N   CA   sing N N 64  
GLN N   H    sing N N 65  
GLN N   H2   sing N N 66  
GLN CA  C    sing N N 67  
GLN CA  CB   sing N N 68  
GLN CA  HA   sing N N 69  
GLN C   O    doub N N 70  
GLN C   OXT  sing N N 71  
GLN CB  CG   sing N N 72  
GLN CB  HB2  sing N N 73  
GLN CB  HB3  sing N N 74  
GLN CG  CD   sing N N 75  
GLN CG  HG2  sing N N 76  
GLN CG  HG3  sing N N 77  
GLN CD  OE1  doub N N 78  
GLN CD  NE2  sing N N 79  
GLN NE2 HE21 sing N N 80  
GLN NE2 HE22 sing N N 81  
GLN OXT HXT  sing N N 82  
GLU N   CA   sing N N 83  
GLU N   H    sing N N 84  
GLU N   H2   sing N N 85  
GLU CA  C    sing N N 86  
GLU CA  CB   sing N N 87  
GLU CA  HA   sing N N 88  
GLU C   O    doub N N 89  
GLU C   OXT  sing N N 90  
GLU CB  CG   sing N N 91  
GLU CB  HB2  sing N N 92  
GLU CB  HB3  sing N N 93  
GLU CG  CD   sing N N 94  
GLU CG  HG2  sing N N 95  
GLU CG  HG3  sing N N 96  
GLU CD  OE1  doub N N 97  
GLU CD  OE2  sing N N 98  
GLU OE2 HE2  sing N N 99  
GLU OXT HXT  sing N N 100 
GLY N   CA   sing N N 101 
GLY N   H    sing N N 102 
GLY N   H2   sing N N 103 
GLY CA  C    sing N N 104 
GLY CA  HA2  sing N N 105 
GLY CA  HA3  sing N N 106 
GLY C   O    doub N N 107 
GLY C   OXT  sing N N 108 
GLY OXT HXT  sing N N 109 
HOH O   H1   sing N N 110 
HOH O   H2   sing N N 111 
LEU N   CA   sing N N 112 
LEU N   H    sing N N 113 
LEU N   H2   sing N N 114 
LEU CA  C    sing N N 115 
LEU CA  CB   sing N N 116 
LEU CA  HA   sing N N 117 
LEU C   O    doub N N 118 
LEU C   OXT  sing N N 119 
LEU CB  CG   sing N N 120 
LEU CB  HB2  sing N N 121 
LEU CB  HB3  sing N N 122 
LEU CG  CD1  sing N N 123 
LEU CG  CD2  sing N N 124 
LEU CG  HG   sing N N 125 
LEU CD1 HD11 sing N N 126 
LEU CD1 HD12 sing N N 127 
LEU CD1 HD13 sing N N 128 
LEU CD2 HD21 sing N N 129 
LEU CD2 HD22 sing N N 130 
LEU CD2 HD23 sing N N 131 
LEU OXT HXT  sing N N 132 
LYS N   CA   sing N N 133 
LYS N   H    sing N N 134 
LYS N   H2   sing N N 135 
LYS CA  C    sing N N 136 
LYS CA  CB   sing N N 137 
LYS CA  HA   sing N N 138 
LYS C   O    doub N N 139 
LYS C   OXT  sing N N 140 
LYS CB  CG   sing N N 141 
LYS CB  HB2  sing N N 142 
LYS CB  HB3  sing N N 143 
LYS CG  CD   sing N N 144 
LYS CG  HG2  sing N N 145 
LYS CG  HG3  sing N N 146 
LYS CD  CE   sing N N 147 
LYS CD  HD2  sing N N 148 
LYS CD  HD3  sing N N 149 
LYS CE  NZ   sing N N 150 
LYS CE  HE2  sing N N 151 
LYS CE  HE3  sing N N 152 
LYS NZ  HZ1  sing N N 153 
LYS NZ  HZ2  sing N N 154 
LYS NZ  HZ3  sing N N 155 
LYS OXT HXT  sing N N 156 
MET N   CA   sing N N 157 
MET N   H    sing N N 158 
MET N   H2   sing N N 159 
MET CA  C    sing N N 160 
MET CA  CB   sing N N 161 
MET CA  HA   sing N N 162 
MET C   O    doub N N 163 
MET C   OXT  sing N N 164 
MET CB  CG   sing N N 165 
MET CB  HB2  sing N N 166 
MET CB  HB3  sing N N 167 
MET CG  SD   sing N N 168 
MET CG  HG2  sing N N 169 
MET CG  HG3  sing N N 170 
MET SD  CE   sing N N 171 
MET CE  HE1  sing N N 172 
MET CE  HE2  sing N N 173 
MET CE  HE3  sing N N 174 
MET OXT HXT  sing N N 175 
SER N   CA   sing N N 176 
SER N   H    sing N N 177 
SER N   H2   sing N N 178 
SER CA  C    sing N N 179 
SER CA  CB   sing N N 180 
SER CA  HA   sing N N 181 
SER C   O    doub N N 182 
SER C   OXT  sing N N 183 
SER CB  OG   sing N N 184 
SER CB  HB2  sing N N 185 
SER CB  HB3  sing N N 186 
SER OG  HG   sing N N 187 
SER OXT HXT  sing N N 188 
THR N   CA   sing N N 189 
THR N   H    sing N N 190 
THR N   H2   sing N N 191 
THR CA  C    sing N N 192 
THR CA  CB   sing N N 193 
THR CA  HA   sing N N 194 
THR C   O    doub N N 195 
THR C   OXT  sing N N 196 
THR CB  OG1  sing N N 197 
THR CB  CG2  sing N N 198 
THR CB  HB   sing N N 199 
THR OG1 HG1  sing N N 200 
THR CG2 HG21 sing N N 201 
THR CG2 HG22 sing N N 202 
THR CG2 HG23 sing N N 203 
THR OXT HXT  sing N N 204 
TRP N   CA   sing N N 205 
TRP N   H    sing N N 206 
TRP N   H2   sing N N 207 
TRP CA  C    sing N N 208 
TRP CA  CB   sing N N 209 
TRP CA  HA   sing N N 210 
TRP C   O    doub N N 211 
TRP C   OXT  sing N N 212 
TRP CB  CG   sing N N 213 
TRP CB  HB2  sing N N 214 
TRP CB  HB3  sing N N 215 
TRP CG  CD1  doub Y N 216 
TRP CG  CD2  sing Y N 217 
TRP CD1 NE1  sing Y N 218 
TRP CD1 HD1  sing N N 219 
TRP CD2 CE2  doub Y N 220 
TRP CD2 CE3  sing Y N 221 
TRP NE1 CE2  sing Y N 222 
TRP NE1 HE1  sing N N 223 
TRP CE2 CZ2  sing Y N 224 
TRP CE3 CZ3  doub Y N 225 
TRP CE3 HE3  sing N N 226 
TRP CZ2 CH2  doub Y N 227 
TRP CZ2 HZ2  sing N N 228 
TRP CZ3 CH2  sing Y N 229 
TRP CZ3 HZ3  sing N N 230 
TRP CH2 HH2  sing N N 231 
TRP OXT HXT  sing N N 232 
TYR N   CA   sing N N 233 
TYR N   H    sing N N 234 
TYR N   H2   sing N N 235 
TYR CA  C    sing N N 236 
TYR CA  CB   sing N N 237 
TYR CA  HA   sing N N 238 
TYR C   O    doub N N 239 
TYR C   OXT  sing N N 240 
TYR CB  CG   sing N N 241 
TYR CB  HB2  sing N N 242 
TYR CB  HB3  sing N N 243 
TYR CG  CD1  doub Y N 244 
TYR CG  CD2  sing Y N 245 
TYR CD1 CE1  sing Y N 246 
TYR CD1 HD1  sing N N 247 
TYR CD2 CE2  doub Y N 248 
TYR CD2 HD2  sing N N 249 
TYR CE1 CZ   doub Y N 250 
TYR CE1 HE1  sing N N 251 
TYR CE2 CZ   sing Y N 252 
TYR CE2 HE2  sing N N 253 
TYR CZ  OH   sing N N 254 
TYR OH  HH   sing N N 255 
TYR OXT HXT  sing N N 256 
VAL N   CA   sing N N 257 
VAL N   H    sing N N 258 
VAL N   H2   sing N N 259 
VAL CA  C    sing N N 260 
VAL CA  CB   sing N N 261 
VAL CA  HA   sing N N 262 
VAL C   O    doub N N 263 
VAL C   OXT  sing N N 264 
VAL CB  CG1  sing N N 265 
VAL CB  CG2  sing N N 266 
VAL CB  HB   sing N N 267 
VAL CG1 HG11 sing N N 268 
VAL CG1 HG12 sing N N 269 
VAL CG1 HG13 sing N N 270 
VAL CG2 HG21 sing N N 271 
VAL CG2 HG22 sing N N 272 
VAL CG2 HG23 sing N N 273 
VAL OXT HXT  sing N N 274 
# 
_pdbx_audit_support.funding_organization   'Wellcome Trust' 
_pdbx_audit_support.country                'United Kingdom' 
_pdbx_audit_support.grant_number           109073/Z/15/Z 
_pdbx_audit_support.ordinal                1 
# 
_atom_sites.entry_id                    5O0U 
_atom_sites.fract_transf_matrix[1][1]   0.01436609 
_atom_sites.fract_transf_matrix[1][2]   0.02701044 
_atom_sites.fract_transf_matrix[1][3]   -0.00192661 
_atom_sites.fract_transf_matrix[2][1]   -0.01288926 
_atom_sites.fract_transf_matrix[2][2]   0.02315051 
_atom_sites.fract_transf_matrix[2][3]   -0.01541391 
_atom_sites.fract_transf_matrix[3][1]   -0.00439491 
_atom_sites.fract_transf_matrix[3][2]   0.00291158 
_atom_sites.fract_transf_matrix[3][3]   0.00804805 
_atom_sites.fract_transf_vector[1]      0.341926 
_atom_sites.fract_transf_vector[2]      0.315586 
_atom_sites.fract_transf_vector[3]      0.425941 
# 
loop_
_atom_type.symbol 
C  
CL 
N  
O  
S  
# 
loop_
_atom_site.group_PDB 
_atom_site.id 
_atom_site.type_symbol 
_atom_site.label_atom_id 
_atom_site.label_alt_id 
_atom_site.label_comp_id 
_atom_site.label_asym_id 
_atom_site.label_entity_id 
_atom_site.label_seq_id 
_atom_site.pdbx_PDB_ins_code 
_atom_site.Cartn_x 
_atom_site.Cartn_y 
_atom_site.Cartn_z 
_atom_site.occupancy 
_atom_site.B_iso_or_equiv 
_atom_site.pdbx_formal_charge 
_atom_site.auth_seq_id 
_atom_site.auth_comp_id 
_atom_site.auth_asym_id 
_atom_site.auth_atom_id 
_atom_site.pdbx_PDB_model_num 
ATOM   1   N  N   . TYR A 1 1  ? -0.006  9.279   7.426   1.00 20.49  ? 1001 TYR A N   1 
ATOM   2   C  CA  . TYR A 1 1  ? -1.260  9.149   6.657   1.00 11.86  ? 1001 TYR A CA  1 
ATOM   3   C  C   . TYR A 1 1  ? -1.310  7.691   6.200   1.00 8.69   ? 1001 TYR A C   1 
ATOM   4   O  O   . TYR A 1 1  ? -1.519  6.784   7.019   1.00 9.29   ? 1001 TYR A O   1 
ATOM   5   C  CB  . TYR A 1 1  ? -1.262  10.240  5.623   1.00 11.27  ? 1001 TYR A CB  1 
ATOM   6   C  CG  A TYR A 1 1  ? -2.325  10.526  4.505   0.50 7.34   ? 1001 TYR A CG  1 
ATOM   7   C  CG  B TYR A 1 1  ? -1.193  11.372  6.536   0.50 10.99  ? 1001 TYR A CG  1 
ATOM   8   C  CD1 A TYR A 1 1  ? -3.610  10.753  4.846   0.50 7.84   ? 1001 TYR A CD1 1 
ATOM   9   C  CD1 B TYR A 1 1  ? -2.112  11.641  7.590   0.50 12.34  ? 1001 TYR A CD1 1 
ATOM   10  C  CD2 A TYR A 1 1  ? -1.968  10.730  3.152   0.50 8.41   ? 1001 TYR A CD2 1 
ATOM   11  C  CD2 B TYR A 1 1  ? -0.274  12.257  6.266   0.50 12.23  ? 1001 TYR A CD2 1 
ATOM   12  C  CE1 A TYR A 1 1  ? -4.572  11.055  3.899   0.50 8.43   ? 1001 TYR A CE1 1 
ATOM   13  C  CE1 B TYR A 1 1  ? -1.993  12.799  8.311   0.50 14.58  ? 1001 TYR A CE1 1 
ATOM   14  C  CE2 A TYR A 1 1  ? -2.919  11.051  2.207   0.50 9.63   ? 1001 TYR A CE2 1 
ATOM   15  C  CE2 B TYR A 1 1  ? -0.170  13.384  6.956   0.50 13.13  ? 1001 TYR A CE2 1 
ATOM   16  C  CZ  A TYR A 1 1  ? -4.241  11.209  2.583   0.50 8.50   ? 1001 TYR A CZ  1 
ATOM   17  C  CZ  B TYR A 1 1  ? -1.020  13.660  7.989   0.50 15.50  ? 1001 TYR A CZ  1 
ATOM   18  O  OH  A TYR A 1 1  ? -5.229  11.551  1.693   0.50 9.99   ? 1001 TYR A OH  1 
ATOM   19  O  OH  B TYR A 1 1  ? -0.832  14.815  8.679   0.50 19.60  ? 1001 TYR A OH  1 
ATOM   20  N  N   . CYS A 1 2  ? -1.172  7.449   4.915   1.00 7.23   ? 1002 CYS A N   1 
ATOM   21  C  CA  . CYS A 1 2  ? -1.101  6.101   4.370   1.00 6.28   ? 1002 CYS A CA  1 
ATOM   22  C  C   . CYS A 1 2  ? -0.143  6.135   3.213   1.00 5.46   ? 1002 CYS A C   1 
ATOM   23  O  O   . CYS A 1 2  ? 0.222   7.203   2.696   1.00 6.60   ? 1002 CYS A O   1 
ATOM   24  C  CB  . CYS A 1 2  ? -2.474  5.561   3.970   1.00 6.39   ? 1002 CYS A CB  1 
ATOM   25  S  SG  . CYS A 1 2  ? -3.406  6.668   2.852   1.00 6.92   ? 1002 CYS A SG  1 
ATOM   26  N  N   . GLN A 1 3  ? 0.301   4.971   2.790   1.00 5.36   ? 1003 GLN A N   1 
ATOM   27  C  CA  . GLN A 1 3  ? 1.296   4.861   1.726   1.00 5.52   ? 1003 GLN A CA  1 
ATOM   28  C  C   . GLN A 1 3  ? 0.584   4.783   0.367   1.00 4.97   ? 1003 GLN A C   1 
ATOM   29  O  O   . GLN A 1 3  ? -0.337  4.002   0.149   1.00 5.76   ? 1003 GLN A O   1 
ATOM   30  C  CB  . GLN A 1 3  ? 2.160   3.624   1.973   1.00 6.01   ? 1003 GLN A CB  1 
ATOM   31  C  CG  . GLN A 1 3  ? 2.862   3.673   3.335   1.00 6.68   ? 1003 GLN A CG  1 
ATOM   32  C  CD  . GLN A 1 3  ? 3.682   4.869   3.535   1.00 7.93   ? 1003 GLN A CD  1 
ATOM   33  O  OE1 . GLN A 1 3  ? 3.221   5.833   4.212   1.00 10.01  ? 1003 GLN A OE1 1 
ATOM   34  N  NE2 . GLN A 1 3  ? 4.867   4.899   2.975   1.00 8.75   ? 1003 GLN A NE2 1 
ATOM   35  N  N   . LYS A 1 4  ? 1.013   5.659   -0.540  1.00 5.31   ? 1004 LYS A N   1 
ATOM   36  C  CA  . LYS A 1 4  ? 0.414   5.779   -1.860  1.00 5.56   ? 1004 LYS A CA  1 
ATOM   37  C  C   . LYS A 1 4  ? 0.955   4.718   -2.810  1.00 5.59   ? 1004 LYS A C   1 
ATOM   38  O  O   . LYS A 1 4  ? 1.841   3.935   -2.471  1.00 5.71   ? 1004 LYS A O   1 
ATOM   39  C  CB  . LYS A 1 4  ? 0.656   7.194   -2.375  1.00 5.55   ? 1004 LYS A CB  1 
ATOM   40  C  CG  . LYS A 1 4  ? -0.090  8.289   -1.630  1.00 6.46   ? 1004 LYS A CG  1 
ATOM   41  C  CD  . LYS A 1 4  ? -1.539  8.376   -2.076  1.00 7.18   ? 1004 LYS A CD  1 
ATOM   42  C  CE  . LYS A 1 4  ? -2.343  9.494   -1.465  1.00 8.54   ? 1004 LYS A CE  1 
ATOM   43  N  NZ  . LYS A 1 4  ? -1.841  10.857  -1.830  1.00 7.51   ? 1004 LYS A NZ  1 
ATOM   44  N  N   . TRP A 1 5  ? 0.392   4.686   -4.024  1.00 6.15   ? 1005 TRP A N   1 
ATOM   45  C  CA  . TRP A 1 5  ? 0.826   3.726   -5.039  1.00 6.34   ? 1005 TRP A CA  1 
ATOM   46  C  C   . TRP A 1 5  ? 2.328   3.816   -5.238  1.00 6.28   ? 1005 TRP A C   1 
ATOM   47  O  O   . TRP A 1 5  ? 2.891   4.901   -5.401  1.00 7.18   ? 1005 TRP A O   1 
ATOM   48  C  CB  . TRP A 1 5  ? 0.096   4.057   -6.341  1.00 6.89   ? 1005 TRP A CB  1 
ATOM   49  C  CG  . TRP A 1 5  ? 0.328   3.095   -7.445  1.00 7.55   ? 1005 TRP A CG  1 
ATOM   50  C  CD1 . TRP A 1 5  ? 0.028   1.769   -7.441  1.00 9.84   ? 1005 TRP A CD1 1 
ATOM   51  C  CD2 . TRP A 1 5  ? 0.980   3.367   -8.699  1.00 8.30   ? 1005 TRP A CD2 1 
ATOM   52  N  NE1 . TRP A 1 5  ? 0.402   1.212   -8.618  1.00 11.08  ? 1005 TRP A NE1 1 
ATOM   53  C  CE2 . TRP A 1 5  ? 0.984   2.167   -9.418  1.00 9.81   ? 1005 TRP A CE2 1 
ATOM   54  C  CE3 . TRP A 1 5  ? 1.552   4.521   -9.282  1.00 10.11  ? 1005 TRP A CE3 1 
ATOM   55  C  CZ2 . TRP A 1 5  ? 1.551   2.068   -10.689 1.00 12.00  ? 1005 TRP A CZ2 1 
ATOM   56  C  CZ3 . TRP A 1 5  ? 2.110   4.427   -10.495 1.00 13.33  ? 1005 TRP A CZ3 1 
ATOM   57  C  CH2 . TRP A 1 5  ? 2.095   3.218   -11.198 1.00 13.71  ? 1005 TRP A CH2 1 
ATOM   58  N  N   . MET A 1 6  ? 2.971   2.643   -5.188  1.00 6.75   ? 1006 MET A N   1 
ATOM   59  C  CA  . MET A 1 6  ? 4.409   2.521   -5.395  1.00 7.87   ? 1006 MET A CA  1 
ATOM   60  C  C   . MET A 1 6  ? 5.260   3.109   -4.275  1.00 7.84   ? 1006 MET A C   1 
ATOM   61  O  O   . MET A 1 6  ? 6.467   3.100   -4.396  1.00 11.17  ? 1006 MET A O   1 
ATOM   62  C  CB  . MET A 1 6  ? 4.852   3.050   -6.778  1.00 10.71  ? 1006 MET A CB  1 
ATOM   63  C  CG  . MET A 1 6  ? 4.303   2.184   -7.914  1.00 15.07  ? 1006 MET A CG  1 
ATOM   64  S  SD  . MET A 1 6  ? 4.966   0.521   -7.865  1.00 22.72  ? 1006 MET A SD  1 
ATOM   65  C  CE  . MET A 1 6  ? 3.576   -0.445  -8.435  1.00 38.46  ? 1006 MET A CE  1 
ATOM   66  N  N   . TRP A 1 7  ? 4.649   3.544   -3.187  1.00 6.49   ? 1007 TRP A N   1 
ATOM   67  C  CA  . TRP A 1 7  ? 5.424   3.893   -2.000  1.00 6.45   ? 1007 TRP A CA  1 
ATOM   68  C  C   . TRP A 1 7  ? 5.743   2.611   -1.222  1.00 6.10   ? 1007 TRP A C   1 
ATOM   69  O  O   . TRP A 1 7  ? 5.016   1.616   -1.299  1.00 6.73   ? 1007 TRP A O   1 
ATOM   70  C  CB  . TRP A 1 7  ? 4.657   4.878   -1.112  1.00 6.10   ? 1007 TRP A CB  1 
ATOM   71  C  CG  . TRP A 1 7  ? 4.437   6.269   -1.703  1.00 6.29   ? 1007 TRP A CG  1 
ATOM   72  C  CD1 . TRP A 1 7  ? 4.330   6.595   -3.033  1.00 6.58   ? 1007 TRP A CD1 1 
ATOM   73  C  CD2 . TRP A 1 7  ? 4.278   7.470   -0.963  1.00 6.39   ? 1007 TRP A CD2 1 
ATOM   74  N  NE1 . TRP A 1 7  ? 4.110   7.951   -3.146  1.00 6.78   ? 1007 TRP A NE1 1 
ATOM   75  C  CE2 . TRP A 1 7  ? 4.051   8.511   -1.899  1.00 6.21   ? 1007 TRP A CE2 1 
ATOM   76  C  CE3 . TRP A 1 7  ? 4.316   7.791   0.374   1.00 7.72   ? 1007 TRP A CE3 1 
ATOM   77  C  CZ2 . TRP A 1 7  ? 3.865   9.845   -1.502  1.00 7.71   ? 1007 TRP A CZ2 1 
ATOM   78  C  CZ3 . TRP A 1 7  ? 4.134   9.090   0.783   1.00 9.70   ? 1007 TRP A CZ3 1 
ATOM   79  C  CH2 . TRP A 1 7  ? 3.936   10.114  -0.161  1.00 9.40   ? 1007 TRP A CH2 1 
ATOM   80  N  N   . THR A 1 8  ? 6.815   2.650   -0.447  1.00 6.75   ? 1008 THR A N   1 
ATOM   81  C  CA  . THR A 1 8  ? 7.114   1.524   0.427   1.00 6.56   ? 1008 THR A CA  1 
ATOM   82  C  C   . THR A 1 8  ? 6.031   1.378   1.497   1.00 6.20   ? 1008 THR A C   1 
ATOM   83  O  O   . THR A 1 8  ? 5.367   2.348   1.855   1.00 7.47   ? 1008 THR A O   1 
ATOM   84  C  CB  . THR A 1 8  ? 8.493   1.674   1.116   1.00 8.20   ? 1008 THR A CB  1 
ATOM   85  O  OG1 . THR A 1 8  ? 8.530   2.853   1.881   1.00 11.12  ? 1008 THR A OG1 1 
ATOM   86  C  CG2 . THR A 1 8  ? 9.623   1.623   0.137   1.00 11.65  ? 1008 THR A CG2 1 
ATOM   87  N  N   . CYS A 1 9  ? 5.888   0.155   2.000   1.00 5.78   ? 1009 CYS A N   1 
ATOM   88  C  CA  . CYS A 1 9  ? 4.849   -0.105  2.991   1.00 5.63   ? 1009 CYS A CA  1 
ATOM   89  C  C   . CYS A 1 9  ? 5.340   -1.202  3.934   1.00 5.73   ? 1009 CYS A C   1 
ATOM   90  O  O   . CYS A 1 9  ? 6.160   -2.028  3.574   1.00 6.09   ? 1009 CYS A O   1 
ATOM   91  C  CB  . CYS A 1 9  ? 3.525   -0.464  2.307   1.00 6.35   ? 1009 CYS A CB  1 
ATOM   92  S  SG  . CYS A 1 9  ? 3.694   -1.741  1.035   1.00 7.01   ? 1009 CYS A SG  1 
ATOM   93  N  N   . ASP A 1 10 ? 4.776   -1.178  5.139   1.00 5.93   ? 1010 ASP A N   1 
ATOM   94  C  CA  . ASP A 1 10 ? 5.110   -2.168  6.139   1.00 6.20   ? 1010 ASP A CA  1 
ATOM   95  C  C   . ASP A 1 10 ? 3.989   -2.266  7.139   1.00 6.44   ? 1010 ASP A C   1 
ATOM   96  O  O   . ASP A 1 10 ? 2.899   -1.710  6.954   1.00 6.72   ? 1010 ASP A O   1 
ATOM   97  C  CB  . ASP A 1 10 ? 6.489   -1.897  6.786   1.00 6.40   ? 1010 ASP A CB  1 
ATOM   98  C  CG  . ASP A 1 10 ? 6.541   -0.769  7.752   1.00 6.60   ? 1010 ASP A CG  1 
ATOM   99  O  OD1 . ASP A 1 10 ? 5.569   -0.001  7.898   1.00 7.68   ? 1010 ASP A OD1 1 
ATOM   100 O  OD2 . ASP A 1 10 ? 7.628   -0.649  8.392   1.00 7.20   ? 1010 ASP A OD2 1 
ATOM   101 N  N   . SER A 1 11 ? 4.213   -2.990  8.242   1.00 7.75   ? 1011 SER A N   1 
ATOM   102 C  CA  . SER A 1 11 ? 3.137   -3.260  9.158   1.00 8.52   ? 1011 SER A CA  1 
ATOM   103 C  C   . SER A 1 11 ? 2.447   -2.015  9.716   1.00 9.24   ? 1011 SER A C   1 
ATOM   104 O  O   . SER A 1 11 ? 1.267   -2.082  9.962   1.00 14.50  ? 1011 SER A O   1 
ATOM   105 C  CB  . SER A 1 11 ? 3.623   -4.131  10.314  1.00 12.83  ? 1011 SER A CB  1 
ATOM   106 O  OG  . SER A 1 11 ? 4.049   -5.343  9.777   1.00 17.66  ? 1011 SER A OG  1 
ATOM   107 N  N   . GLU A 1 12 ? 3.199   -0.944  9.972   1.00 8.93   ? 1012 GLU A N   1 
ATOM   108 C  CA  . GLU A 1 12 ? 2.743   0.339   10.504  1.00 12.50  ? 1012 GLU A CA  1 
ATOM   109 C  C   . GLU A 1 12 ? 2.390   1.380   9.476   1.00 9.48   ? 1012 GLU A C   1 
ATOM   110 O  O   . GLU A 1 12 ? 1.604   2.310   9.761   1.00 11.74  ? 1012 GLU A O   1 
ATOM   111 C  CB  . GLU A 1 12 ? 3.816   0.949   11.494  1.00 18.26  ? 1012 GLU A CB  1 
ATOM   112 C  CG  . GLU A 1 12 ? 4.164   0.132   12.716  1.00 18.76  ? 1012 GLU A CG  1 
ATOM   113 C  CD  . GLU A 1 12 ? 3.305   0.464   13.933  1.00 21.57  ? 1012 GLU A CD  1 
ATOM   114 O  OE1 . GLU A 1 12 ? 3.479   -0.210  14.904  1.00 23.66  ? 1012 GLU A OE1 1 
ATOM   115 O  OE2 . GLU A 1 12 ? 2.528   1.453   13.902  1.00 25.59  ? 1012 GLU A OE2 1 
ATOM   116 N  N   . ARG A 1 13 ? 2.985   1.273   8.304   1.00 8.37   ? 1013 ARG A N   1 
ATOM   117 C  CA  . ARG A 1 13 ? 2.775   2.198   7.208   1.00 7.99   ? 1013 ARG A CA  1 
ATOM   118 C  C   . ARG A 1 13 ? 1.981   1.440   6.137   1.00 6.31   ? 1013 ARG A C   1 
ATOM   119 O  O   . ARG A 1 13 ? 2.553   0.817   5.252   1.00 7.12   ? 1013 ARG A O   1 
ATOM   120 C  CB  . ARG A 1 13 ? 4.096   2.744   6.684   1.00 9.30   ? 1013 ARG A CB  1 
ATOM   121 C  CG  . ARG A 1 13 ? 4.686   3.924   7.414   1.00 12.54  ? 1013 ARG A CG  1 
ATOM   122 C  CD  . ARG A 1 13 ? 5.279   3.672   8.725   1.00 12.00  ? 1013 ARG A CD  1 
ATOM   123 N  NE  . ARG A 1 13 ? 6.352   2.715   8.704   1.00 9.19   ? 1013 ARG A NE  1 
ATOM   124 C  CZ  . ARG A 1 13 ? 7.657   2.973   8.826   1.00 8.06   ? 1013 ARG A CZ  1 
ATOM   125 N  NH1 . ARG A 1 13 ? 8.112   4.206   9.000   1.00 9.49   ? 1013 ARG A NH1 1 
ATOM   126 N  NH2 . ARG A 1 13 ? 8.483   1.973   8.871   1.00 10.57  ? 1013 ARG A NH2 1 
ATOM   127 N  N   . LYS A 1 14 ? 0.666   1.471   6.296   1.00 6.95   ? 1014 LYS A N   1 
ATOM   128 C  CA  . LYS A 1 14 ? -0.229  0.687   5.448   1.00 6.63   ? 1014 LYS A CA  1 
ATOM   129 C  C   . LYS A 1 14 ? -0.551  1.401   4.188   1.00 5.69   ? 1014 LYS A C   1 
ATOM   130 O  O   . LYS A 1 14 ? -0.562  2.640   4.115   1.00 6.57   ? 1014 LYS A O   1 
ATOM   131 C  CB  . LYS A 1 14 ? -1.522  0.398   6.214   1.00 7.88   ? 1014 LYS A CB  1 
ATOM   132 C  CG  . LYS A 1 14 ? -1.304  -0.338  7.517   1.00 10.54  ? 1014 LYS A CG  1 
ATOM   133 C  CD  . LYS A 1 14 ? -2.612  -0.556  8.260   1.00 14.16  ? 1014 LYS A CD  1 
ATOM   134 C  CE  . LYS A 1 14 ? -2.349  -1.152  9.603   1.00 16.81  ? 1014 LYS A CE  1 
ATOM   135 N  NZ  . LYS A 1 14 ? -3.576  -1.490  10.348  1.00 26.14  ? 1014 LYS A NZ  1 
ATOM   136 N  N   . CYS A 1 15 ? -0.877  0.637   3.141   1.00 5.72   ? 1015 CYS A N   1 
ATOM   137 C  CA  . CYS A 1 15 ? -1.276  1.232   1.886   1.00 5.77   ? 1015 CYS A CA  1 
ATOM   138 C  C   . CYS A 1 15 ? -2.642  1.918   2.008   1.00 5.80   ? 1015 CYS A C   1 
ATOM   139 O  O   . CYS A 1 15 ? -3.543  1.462   2.722   1.00 6.17   ? 1015 CYS A O   1 
ATOM   140 C  CB  . CYS A 1 15 ? -1.341  0.182   0.794   1.00 6.11   ? 1015 CYS A CB  1 
ATOM   141 S  SG  . CYS A 1 15 ? 0.297   -0.583  0.499   1.00 7.23   ? 1015 CYS A SG  1 
ATOM   142 N  N   . CYS A 1 16 ? -2.792  3.011   1.273   1.00 5.67   ? 1016 CYS A N   1 
ATOM   143 C  CA  . CYS A 1 16 ? -4.075  3.672   1.155   1.00 6.27   ? 1016 CYS A CA  1 
ATOM   144 C  C   . CYS A 1 16 ? -5.132  2.748   0.539   1.00 6.74   ? 1016 CYS A C   1 
ATOM   145 O  O   . CYS A 1 16 ? -4.832  1.710   -0.052  1.00 7.63   ? 1016 CYS A O   1 
ATOM   146 C  CB  . CYS A 1 16 ? -3.927  4.968   0.357   1.00 7.02   ? 1016 CYS A CB  1 
ATOM   147 S  SG  . CYS A 1 16 ? -2.722  6.192   0.989   1.00 7.28   ? 1016 CYS A SG  1 
ATOM   148 N  N   . GLU A 1 17 ? -6.365  3.186   0.685   1.00 7.07   ? 1017 GLU A N   1 
ATOM   149 C  CA  . GLU A 1 17 ? -7.545  2.483   0.232   1.00 7.69   ? 1017 GLU A CA  1 
ATOM   150 C  C   . GLU A 1 17 ? -7.384  1.956   -1.181  1.00 7.98   ? 1017 GLU A C   1 
ATOM   151 O  O   . GLU A 1 17 ? -6.948  2.651   -2.069  1.00 9.41   ? 1017 GLU A O   1 
ATOM   152 C  CB  . GLU A 1 17 ? -8.760  3.444   0.328   1.00 9.12   ? 1017 GLU A CB  1 
ATOM   153 C  CG  . GLU A 1 17 ? -10.099 2.818   0.210   1.00 10.99  ? 1017 GLU A CG  1 
ATOM   154 C  CD  . GLU A 1 17 ? -11.226 3.812   0.382   1.00 13.09  ? 1017 GLU A CD  1 
ATOM   155 O  OE1 . GLU A 1 17 ? -12.256 3.591   -0.246  1.00 21.48  ? 1017 GLU A OE1 1 
ATOM   156 O  OE2 . GLU A 1 17 ? -11.100 4.757   1.195   1.00 13.71  ? 1017 GLU A OE2 1 
ATOM   157 N  N   . GLY A 1 18 ? -7.806  0.720   -1.365  1.00 8.80   ? 1018 GLY A N   1 
ATOM   158 C  CA  . GLY A 1 18 ? -7.787  0.075   -2.675  1.00 9.27   ? 1018 GLY A CA  1 
ATOM   159 C  C   . GLY A 1 18 ? -6.449  -0.523  -3.069  1.00 8.96   ? 1018 GLY A C   1 
ATOM   160 O  O   . GLY A 1 18 ? -6.309  -1.016  -4.191  1.00 11.08  ? 1018 GLY A O   1 
ATOM   161 N  N   . MET A 1 19 ? -5.465  -0.485  -2.173  1.00 8.21   ? 1019 MET A N   1 
ATOM   162 C  CA  . MET A 1 19 ? -4.114  -0.996  -2.443  1.00 7.73   ? 1019 MET A CA  1 
ATOM   163 C  C   . MET A 1 19 ? -3.742  -2.012  -1.391  1.00 8.05   ? 1019 MET A C   1 
ATOM   164 O  O   . MET A 1 19 ? -4.313  -2.051  -0.305  1.00 9.99   ? 1019 MET A O   1 
ATOM   165 C  CB  . MET A 1 19 ? -3.104  0.149   -2.540  1.00 7.94   ? 1019 MET A CB  1 
ATOM   166 C  CG  . MET A 1 19 ? -3.358  0.976   -3.791  1.00 9.17   ? 1019 MET A CG  1 
ATOM   167 S  SD  . MET A 1 19 ? -2.181  2.328   -4.020  1.00 9.79   ? 1019 MET A SD  1 
ATOM   168 C  CE  . MET A 1 19 ? -2.746  3.429   -2.770  1.00 12.03  ? 1019 MET A CE  1 
ATOM   169 N  N   . VAL A 1 20 ? -2.740  -2.814  -1.745  1.00 8.10   ? 1020 VAL A N   1 
ATOM   170 C  CA  . VAL A 1 20 ? -2.234  -3.893  -0.902  1.00 8.79   ? 1020 VAL A CA  1 
ATOM   171 C  C   . VAL A 1 20 ? -0.711  -3.849  -0.911  1.00 7.55   ? 1020 VAL A C   1 
ATOM   172 O  O   . VAL A 1 20 ? -0.066  -3.526  -1.931  1.00 8.33   ? 1020 VAL A O   1 
ATOM   173 C  CB  . VAL A 1 20 ? -2.753  -5.252  -1.387  1.00 12.05  ? 1020 VAL A CB  1 
ATOM   174 C  CG1 . VAL A 1 20 ? -2.362  -5.565  -2.803  1.00 13.30  ? 1020 VAL A CG1 1 
ATOM   175 C  CG2 . VAL A 1 20 ? -2.347  -6.375  -0.461  1.00 15.57  ? 1020 VAL A CG2 1 
ATOM   176 N  N   . CYS A 1 21 ? -0.126  -4.141  0.242   1.00 8.18   ? 1021 CYS A N   1 
ATOM   177 C  CA  . CYS A 1 21 ? 1.326   -4.030  0.388   1.00 8.00   ? 1021 CYS A CA  1 
ATOM   178 C  C   . CYS A 1 21 ? 2.047   -5.284  -0.118  1.00 8.67   ? 1021 CYS A C   1 
ATOM   179 O  O   . CYS A 1 21 ? 1.822   -6.390  0.394   1.00 11.19  ? 1021 CYS A O   1 
ATOM   180 C  CB  . CYS A 1 21 ? 1.680   -3.791  1.855   1.00 8.56   ? 1021 CYS A CB  1 
ATOM   181 S  SG  . CYS A 1 21 ? 3.443   -3.481  2.093   1.00 8.74   ? 1021 CYS A SG  1 
ATOM   182 N  N   . ARG A 1 22 ? 2.903   -5.117  -1.129  1.00 8.62   ? 1022 ARG A N   1 
ATOM   183 C  CA  . ARG A 1 22 ? 3.829   -6.171  -1.565  1.00 9.73   ? 1022 ARG A CA  1 
ATOM   184 C  C   . ARG A 1 22 ? 5.210   -5.531  -1.638  1.00 8.61   ? 1022 ARG A C   1 
ATOM   185 O  O   . ARG A 1 22 ? 5.731   -5.269  -2.740  1.00 9.34   ? 1022 ARG A O   1 
ATOM   186 C  CB  . ARG A 1 22 ? 3.407   -6.794  -2.907  1.00 12.31  ? 1022 ARG A CB  1 
ATOM   187 C  CG  . ARG A 1 22 ? 2.213   -7.691  -2.732  1.00 16.47  ? 1022 ARG A CG  1 
ATOM   188 C  CD  . ARG A 1 22 ? 1.976   -8.592  -3.907  1.00 19.37  ? 1022 ARG A CD  1 
ATOM   189 N  NE  . ARG A 1 22 ? 1.347   -7.863  -4.999  1.00 17.86  ? 1022 ARG A NE  1 
ATOM   190 C  CZ  . ARG A 1 22 ? 0.028   -7.771  -5.231  1.00 20.95  ? 1022 ARG A CZ  1 
ATOM   191 N  NH1 . ARG A 1 22 ? -0.877  -8.345  -4.415  1.00 23.39  ? 1022 ARG A NH1 1 
ATOM   192 N  NH2 . ARG A 1 22 ? -0.394  -7.045  -6.275  1.00 21.85  ? 1022 ARG A NH2 1 
ATOM   193 N  N   . LEU A 1 23 ? 5.698   -5.141  -0.449  1.00 8.15   ? 1023 LEU A N   1 
ATOM   194 C  CA  . LEU A 1 23 ? 6.884   -4.292  -0.210  1.00 7.65   ? 1023 LEU A CA  1 
ATOM   195 C  C   . LEU A 1 23 ? 6.687   -2.835  -0.606  1.00 6.56   ? 1023 LEU A C   1 
ATOM   196 O  O   . LEU A 1 23 ? 7.090   -1.927  0.098   1.00 6.64   ? 1023 LEU A O   1 
ATOM   197 C  CB  . LEU A 1 23 ? 8.164   -4.877  -0.796  1.00 7.75   ? 1023 LEU A CB  1 
ATOM   198 C  CG  . LEU A 1 23 ? 8.622   -6.193  -0.192  1.00 9.21   ? 1023 LEU A CG  1 
ATOM   199 C  CD1 . LEU A 1 23 ? 9.727   -6.791  -1.004  1.00 11.32  ? 1023 LEU A CD1 1 
ATOM   200 C  CD2 . LEU A 1 23 ? 9.046   -6.045  1.255   1.00 10.23  ? 1023 LEU A CD2 1 
ATOM   201 N  N   . TRP A 1 24 ? 6.069   -2.638  -1.776  1.00 6.75   ? 1024 TRP A N   1 
ATOM   202 C  CA  . TRP A 1 24 ? 5.523   -1.349  -2.232  1.00 6.55   ? 1024 TRP A CA  1 
ATOM   203 C  C   . TRP A 1 24 ? 4.028   -1.547  -2.435  1.00 6.41   ? 1024 TRP A C   1 
ATOM   204 O  O   . TRP A 1 24 ? 3.532   -2.656  -2.617  1.00 7.55   ? 1024 TRP A O   1 
ATOM   205 C  CB  . TRP A 1 24 ? 6.214   -0.897  -3.536  1.00 7.71   ? 1024 TRP A CB  1 
ATOM   206 C  CG  . TRP A 1 24 ? 7.689   -0.634  -3.438  1.00 7.86   ? 1024 TRP A CG  1 
ATOM   207 C  CD1 . TRP A 1 24 ? 8.284   0.572   -3.230  1.00 9.40   ? 1024 TRP A CD1 1 
ATOM   208 C  CD2 . TRP A 1 24 ? 8.737   -1.583  -3.584  1.00 8.93   ? 1024 TRP A CD2 1 
ATOM   209 N  NE1 . TRP A 1 24 ? 9.633   0.429   -3.230  1.00 11.38  ? 1024 TRP A NE1 1 
ATOM   210 C  CE2 . TRP A 1 24 ? 9.930   -0.886  -3.429  1.00 9.97   ? 1024 TRP A CE2 1 
ATOM   211 C  CE3 . TRP A 1 24 ? 8.792   -2.966  -3.817  1.00 10.15  ? 1024 TRP A CE3 1 
ATOM   212 C  CZ2 . TRP A 1 24 ? 11.185  -1.508  -3.538  1.00 11.59  ? 1024 TRP A CZ2 1 
ATOM   213 C  CZ3 . TRP A 1 24 ? 10.034  -3.578  -3.915  1.00 12.69  ? 1024 TRP A CZ3 1 
ATOM   214 C  CH2 . TRP A 1 24 ? 11.188  -2.851  -3.756  1.00 12.95  ? 1024 TRP A CH2 1 
ATOM   215 N  N   . CYS A 1 25 ? 3.298   -0.433  -2.431  1.00 6.12   ? 1025 CYS A N   1 
ATOM   216 C  CA  . CYS A 1 25 ? 1.822   -0.518  -2.562  1.00 5.67   ? 1025 CYS A CA  1 
ATOM   217 C  C   . CYS A 1 25 ? 1.412   -0.763  -3.987  1.00 6.04   ? 1025 CYS A C   1 
ATOM   218 O  O   . CYS A 1 25 ? 1.819   -0.058  -4.915  1.00 8.05   ? 1025 CYS A O   1 
ATOM   219 C  CB  . CYS A 1 25 ? 1.199   0.764   -2.063  1.00 6.03   ? 1025 CYS A CB  1 
ATOM   220 S  SG  . CYS A 1 25 ? 1.395   0.981   -0.289  1.00 6.72   ? 1025 CYS A SG  1 
ATOM   221 N  N   . LYS A 1 26 ? 0.536   -1.766  -4.154  1.00 6.90   ? 1026 LYS A N   1 
ATOM   222 C  CA  . LYS A 1 26 ? 0.026   -2.186  -5.449  1.00 8.30   ? 1026 LYS A CA  1 
ATOM   223 C  C   . LYS A 1 26 ? -1.490  -2.071  -5.462  1.00 7.87   ? 1026 LYS A C   1 
ATOM   224 O  O   . LYS A 1 26 ? -2.147  -2.206  -4.438  1.00 8.65   ? 1026 LYS A O   1 
ATOM   225 C  CB  . LYS A 1 26 ? 0.403   -3.625  -5.735  1.00 12.62  ? 1026 LYS A CB  1 
ATOM   226 C  CG  . LYS A 1 26 ? 1.839   -3.992  -5.455  1.00 16.77  ? 1026 LYS A CG  1 
ATOM   227 N  N   . LYS A 1 27 ? -2.060  -1.817  -6.633  1.00 8.22   ? 1027 LYS A N   1 
ATOM   228 C  CA  . LYS A 1 27 ? -3.520  -1.793  -6.751  1.00 9.63   ? 1027 LYS A CA  1 
ATOM   229 C  C   . LYS A 1 27 ? -4.113  -3.193  -6.573  1.00 9.64   ? 1027 LYS A C   1 
ATOM   230 O  O   . LYS A 1 27 ? -3.677  -4.113  -7.210  1.00 13.17  ? 1027 LYS A O   1 
ATOM   231 C  CB  . LYS A 1 27 ? -3.928  -1.229  -8.093  1.00 12.22  ? 1027 LYS A CB  1 
ATOM   232 C  CG  . LYS A 1 27 ? -3.595  0.245   -8.217  1.00 19.26  ? 1027 LYS A CG  1 
ATOM   233 C  CD  . LYS A 1 27 ? -3.992  0.830   -9.543  1.00 25.84  ? 1027 LYS A CD  1 
ATOM   234 N  N   . LYS A 1 28 ? -5.117  -3.321  -5.712  1.00 9.37   ? 1028 LYS A N   1 
ATOM   235 C  CA  . LYS A 1 28 ? -5.863  -4.560  -5.571  1.00 11.19  ? 1028 LYS A CA  1 
ATOM   236 C  C   . LYS A 1 28 ? -6.807  -4.744  -6.725  1.00 10.76  ? 1028 LYS A C   1 
ATOM   237 O  O   . LYS A 1 28 ? -7.507  -3.800  -7.092  1.00 14.06  ? 1028 LYS A O   1 
ATOM   238 C  CB  . LYS A 1 28 ? -6.783  -4.499  -4.350  1.00 15.62  ? 1028 LYS A CB  1 
ATOM   239 C  CG  . LYS A 1 28 ? -6.060  -4.480  -3.056  1.00 17.59  ? 1028 LYS A CG  1 
ATOM   240 C  CD  . LYS A 1 28 ? -6.990  -4.102  -1.909  1.00 21.37  ? 1028 LYS A CD  1 
ATOM   241 C  CE  . LYS A 1 28 ? -8.048  -5.095  -1.661  1.00 23.16  ? 1028 LYS A CE  1 
ATOM   242 N  NZ  . LYS A 1 28 ? -8.847  -4.845  -0.391  1.00 22.25  ? 1028 LYS A NZ  1 
ATOM   243 N  N   . LEU A 1 29 ? -6.910  -5.938  -7.258  1.00 9.06   ? 1029 LEU A N   1 
ATOM   244 C  CA  . LEU A 1 29 ? -7.986  -6.184  -8.210  1.00 8.98   ? 1029 LEU A CA  1 
ATOM   245 C  C   . LEU A 1 29 ? -9.333  -6.131  -7.485  1.00 7.48   ? 1029 LEU A C   1 
ATOM   246 O  O   . LEU A 1 29 ? -10.276 -5.533  -7.975  1.00 8.28   ? 1029 LEU A O   1 
ATOM   247 C  CB  . LEU A 1 29 ? -7.763  -7.497  -8.913  1.00 11.64  ? 1029 LEU A CB  1 
ATOM   248 C  CG  . LEU A 1 29 ? -6.592  -7.404  -9.919  1.00 17.76  ? 1029 LEU A CG  1 
ATOM   249 C  CD1 . LEU A 1 29 ? -6.711  -8.676  -10.723 1.00 24.84  ? 1029 LEU A CD1 1 
ATOM   250 C  CD2 . LEU A 1 29 ? -6.595  -6.199  -10.839 1.00 20.59  ? 1029 LEU A CD2 1 
ATOM   251 N  N   . TRP A 1 30 ? -9.382  -6.812  -6.328  1.00 7.08   ? 1030 TRP A N   1 
ATOM   252 C  CA  . TRP A 1 30 ? -10.517 -6.733  -5.424  1.00 6.87   ? 1030 TRP A CA  1 
ATOM   253 C  C   . TRP A 1 30 ? -10.092 -7.233  -4.051  1.00 7.24   ? 1030 TRP A C   1 
ATOM   254 O  O   . TRP A 1 30 ? -9.008  -7.853  -3.944  1.00 8.12   ? 1030 TRP A O   1 
ATOM   255 C  CB  . TRP A 1 30 ? -11.701 -7.534  -5.921  1.00 6.60   ? 1030 TRP A CB  1 
ATOM   256 C  CG  . TRP A 1 30 ? -11.483 -8.990  -6.258  1.00 6.25   ? 1030 TRP A CG  1 
ATOM   257 C  CD1 . TRP A 1 30 ? -11.391 -10.035 -5.391  1.00 7.07   ? 1030 TRP A CD1 1 
ATOM   258 C  CD2 . TRP A 1 30 ? -11.401 -9.561  -7.558  1.00 6.31   ? 1030 TRP A CD2 1 
ATOM   259 N  NE1 . TRP A 1 30 ? -11.243 -11.216 -6.067  1.00 7.33   ? 1030 TRP A NE1 1 
ATOM   260 C  CE2 . TRP A 1 30 ? -11.259 -10.952 -7.403  1.00 7.03   ? 1030 TRP A CE2 1 
ATOM   261 C  CE3 . TRP A 1 30 ? -11.485 -9.028  -8.850  1.00 7.96   ? 1030 TRP A CE3 1 
ATOM   262 C  CZ2 . TRP A 1 30 ? -11.158 -11.813 -8.486  1.00 8.85   ? 1030 TRP A CZ2 1 
ATOM   263 C  CZ3 . TRP A 1 30 ? -11.404 -9.875  -9.910  1.00 9.66   ? 1030 TRP A CZ3 1 
ATOM   264 C  CH2 . TRP A 1 30 ? -11.244 -11.257 -9.744  1.00 9.72   ? 1030 TRP A CH2 1 
ATOM   265 O  OXT . TRP A 1 30 ? -10.856 -6.989  -3.105  1.00 8.73   ? 1030 TRP A OXT 1 
HETATM 266 CL CL  . CL  B 2 .  ? -4.068  -8.211  -6.256  1.00 7.20   ? 1101 CL  A CL  1 
HETATM 267 CL CL  . CL  C 2 .  ? -0.285  -2.019  -9.921  1.00 13.54  ? 1102 CL  A CL  1 
HETATM 268 C  C1  . EDO D 3 .  ? 8.655   4.459   -6.477  1.00 31.06  ? 1103 EDO A C1  1 
HETATM 269 O  O1  . EDO D 3 .  ? 8.690   5.419   -5.400  1.00 44.48  ? 1103 EDO A O1  1 
HETATM 270 C  C2  A EDO D 3 .  ? 9.294   3.133   -6.053  0.50 27.08  ? 1103 EDO A C2  1 
HETATM 271 O  O2  A EDO D 3 .  ? 10.189  2.524   -7.008  0.50 23.39  ? 1103 EDO A O2  1 
HETATM 272 C  C1  . EDO E 3 .  ? 10.943  5.555   2.432   1.00 22.84  ? 1104 EDO A C1  1 
HETATM 273 O  O1  . EDO E 3 .  ? 9.636   4.985   2.409   1.00 42.25  ? 1104 EDO A O1  1 
HETATM 274 C  C2  . EDO E 3 .  ? 11.662  5.178   1.169   1.00 22.75  ? 1104 EDO A C2  1 
HETATM 275 O  O2  . EDO E 3 .  ? 12.851  5.931   0.966   1.00 52.14  ? 1104 EDO A O2  1 
HETATM 276 O  O   . HOH F 4 .  ? -4.929  -0.791  2.395   1.00 64.99  ? 1201 HOH A O   1 
HETATM 277 O  O   . HOH F 4 .  ? -2.883  -4.743  -9.683  1.00 87.40  ? 1202 HOH A O   1 
HETATM 278 O  O   . HOH F 4 .  ? -0.244  -4.286  9.750   1.00 39.83  ? 1203 HOH A O   1 
HETATM 279 O  O   . HOH F 4 .  ? -10.079 -7.228  -0.497  1.00 12.48  ? 1204 HOH A O   1 
HETATM 280 O  O   . HOH F 4 .  ? -8.170  -1.353  -6.167  1.00 27.60  ? 1205 HOH A O   1 
HETATM 281 O  O   . HOH F 4 .  ? -0.538  -9.469  -1.936  1.00 35.41  ? 1206 HOH A O   1 
HETATM 282 O  O   . HOH F 4 .  ? 1.111   -2.991  5.306   1.00 23.77  ? 1207 HOH A O   1 
HETATM 283 O  O   . HOH F 4 .  ? 4.669   7.188   6.132   1.00 32.51  ? 1208 HOH A O   1 
HETATM 284 O  O   . HOH F 4 .  ? -6.570  5.387   -2.086  1.00 19.50  ? 1209 HOH A O   1 
HETATM 285 O  O   . HOH F 4 .  ? -2.687  -3.001  12.515  1.00 40.55  ? 1210 HOH A O   1 
HETATM 286 O  O   . HOH F 4 .  ? 0.418   2.824   12.239  1.00 19.37  ? 1211 HOH A O   1 
HETATM 287 O  O   . HOH F 4 .  ? -9.075  -10.294 -2.567  1.00 9.62   ? 1212 HOH A O   1 
HETATM 288 O  O   . HOH F 4 .  ? -5.009  3.001   4.560   1.00 11.31  ? 1213 HOH A O   1 
HETATM 289 O  O   . HOH F 4 .  ? 0.078   -8.584  0.673   1.00 38.91  ? 1214 HOH A O   1 
HETATM 290 O  O   . HOH F 4 .  ? -6.211  -8.098  -3.365  1.00 24.57  ? 1215 HOH A O   1 
HETATM 291 O  O   . HOH F 4 .  ? -1.786  -4.403  2.565   1.00 14.90  ? 1216 HOH A O   1 
HETATM 292 O  O   . HOH F 4 .  ? -1.502  6.632   -5.061  1.00 8.83   ? 1217 HOH A O   1 
HETATM 293 O  O   . HOH F 4 .  ? -13.511 2.602   -2.679  1.00 55.02  ? 1218 HOH A O   1 
HETATM 294 O  O   . HOH F 4 .  ? 2.730   -7.413  2.969   1.00 26.02  ? 1219 HOH A O   1 
HETATM 295 O  O   . HOH F 4 .  ? 5.161   -6.564  2.041   1.00 12.46  ? 1220 HOH A O   1 
HETATM 296 O  O   . HOH F 4 .  ? 1.433   5.382   6.473   1.00 11.78  ? 1221 HOH A O   1 
HETATM 297 O  O   . HOH F 4 .  ? -0.772  3.689   7.538   1.00 13.36  ? 1222 HOH A O   1 
HETATM 298 O  O   . HOH F 4 .  ? -0.180  -1.372  12.464  1.00 36.69  ? 1223 HOH A O   1 
HETATM 299 O  O   . HOH F 4 .  ? -4.791  -4.026  1.886   1.00 22.15  ? 1224 HOH A O   1 
HETATM 300 O  O   . HOH F 4 .  ? 6.640   6.539   10.165  1.00 29.37  ? 1225 HOH A O   1 
HETATM 301 O  O   . HOH F 4 .  ? 7.061   6.318   7.115   1.00 81.00  ? 1226 HOH A O   1 
HETATM 302 O  O   . HOH F 4 .  ? 11.405  2.869   -3.063  1.00 38.61  ? 1227 HOH A O   1 
HETATM 303 O  O   . HOH F 4 .  ? -6.884  2.686   -5.220  1.00 49.44  ? 1228 HOH A O   1 
HETATM 304 O  O   . HOH F 4 .  ? -4.342  -3.869  8.094   0.50 51.15  ? 1229 HOH A O   1 
HETATM 305 O  O   . HOH F 4 .  ? 11.714  5.642   -6.894  0.50 116.45 ? 1230 HOH A O   1 
HETATM 306 O  O   . HOH F 4 .  ? -10.487 5.361   -2.736  1.00 59.33  ? 1231 HOH A O   1 
HETATM 307 O  O   . HOH F 4 .  ? 0.460   -1.376  -11.088 1.00 21.85  ? 1232 HOH A O   1 
HETATM 308 O  O   . HOH F 4 .  ? -1.599  -2.841  3.603   1.00 16.89  ? 1233 HOH A O   1 
HETATM 309 O  O   . HOH F 4 .  ? -6.019  -6.221  1.324   1.00 32.51  ? 1234 HOH A O   1 
HETATM 310 O  O   . HOH F 4 .  ? -7.250  0.341   2.980   1.00 30.09  ? 1235 HOH A O   1 
HETATM 311 O  O   . HOH F 4 .  ? 0.951   -6.595  7.506   1.00 63.68  ? 1236 HOH A O   1 
HETATM 312 O  O   . HOH F 4 .  ? 4.720   -6.020  5.609   1.00 19.19  ? 1237 HOH A O   1 
HETATM 313 O  O   . HOH F 4 .  ? -1.377  1.044   12.831  1.00 33.34  ? 1238 HOH A O   1 
HETATM 314 O  O   . HOH F 4 .  ? -10.588 -1.695  -9.491  1.00 44.95  ? 1239 HOH A O   1 
HETATM 315 O  O   . HOH F 4 .  ? -1.140  -6.455  3.557   1.00 82.17  ? 1240 HOH A O   1 
HETATM 316 O  O   . HOH F 4 .  ? 2.081   -5.525  5.268   1.00 24.05  ? 1241 HOH A O   1 
HETATM 317 O  O   . HOH F 4 .  ? -1.323  -4.183  7.211   1.00 40.90  ? 1242 HOH A O   1 
HETATM 318 O  O   . HOH F 4 .  ? -4.187  9.265   -5.115  1.00 12.03  ? 1243 HOH A O   1 
HETATM 319 O  O   . HOH F 4 .  ? -6.027  -2.876  -11.182 1.00 75.49  ? 1244 HOH A O   1 
HETATM 320 O  O   . HOH F 4 .  ? -5.762  -8.167  -0.722  1.00 27.39  ? 1245 HOH A O   1 
HETATM 321 O  O   . HOH F 4 .  ? -1.648  -1.240  -12.107 1.00 20.45  ? 1246 HOH A O   1 
HETATM 322 O  O   . HOH F 4 .  ? -4.470  6.664   -3.695  1.00 31.05  ? 1247 HOH A O   1 
HETATM 323 O  O   . HOH F 4 .  ? -1.233  3.761   -13.002 1.00 85.06  ? 1248 HOH A O   1 
HETATM 324 O  O   . HOH F 4 .  ? -3.896  -9.830  0.254   1.00 40.71  ? 1249 HOH A O   1 
HETATM 325 O  O   . HOH F 4 .  ? -8.363  8.563   -4.827  1.00 120.21 ? 1250 HOH A O   1 
HETATM 326 O  O   . HOH F 4 .  ? -4.085  -0.919  -13.228 1.00 76.70  ? 1251 HOH A O   1 
HETATM 327 O  O   . HOH F 4 .  ? -4.927  -5.208  -13.849 1.00 67.76  ? 1252 HOH A O   1 
HETATM 328 O  O   . HOH F 4 .  ? 0.634   3.215   -15.562 1.00 39.57  ? 1253 HOH A O   1 
HETATM 329 O  O   . HOH F 4 .  ? 2.062   4.281   -18.212 1.00 41.38  ? 1254 HOH A O   1 
# 
loop_
_atom_site_anisotrop.id 
_atom_site_anisotrop.type_symbol 
_atom_site_anisotrop.pdbx_label_atom_id 
_atom_site_anisotrop.pdbx_label_alt_id 
_atom_site_anisotrop.pdbx_label_comp_id 
_atom_site_anisotrop.pdbx_label_asym_id 
_atom_site_anisotrop.pdbx_label_seq_id 
_atom_site_anisotrop.pdbx_PDB_ins_code 
_atom_site_anisotrop.U[1][1] 
_atom_site_anisotrop.U[2][2] 
_atom_site_anisotrop.U[3][3] 
_atom_site_anisotrop.U[1][2] 
_atom_site_anisotrop.U[1][3] 
_atom_site_anisotrop.U[2][3] 
_atom_site_anisotrop.pdbx_auth_seq_id 
_atom_site_anisotrop.pdbx_auth_comp_id 
_atom_site_anisotrop.pdbx_auth_asym_id 
_atom_site_anisotrop.pdbx_auth_atom_id 
1   N  N   . TYR A 1  ? 0.3693 0.2132 0.1960 -0.1551 -0.1578 0.0692  1001 TYR A N   
2   C  CA  . TYR A 1  ? 0.1547 0.1963 0.0994 -0.0903 0.0460  -0.0755 1001 TYR A CA  
3   C  C   . TYR A 1  ? 0.0939 0.1604 0.0756 -0.0360 0.0209  -0.0332 1001 TYR A C   
4   O  O   . TYR A 1  ? 0.1005 0.1831 0.0694 -0.0119 0.0153  -0.0154 1001 TYR A O   
5   C  CB  . TYR A 1  ? 0.1150 0.1495 0.1636 0.0345  -0.0179 -0.0695 1001 TYR A CB  
6   C  CG  A TYR A 1  ? 0.0989 0.0748 0.1049 -0.0011 0.0115  -0.0321 1001 TYR A CG  
7   C  CG  B TYR A 1  ? 0.1334 0.1383 0.1455 0.0460  -0.0644 -0.0510 1001 TYR A CG  
8   C  CD1 A TYR A 1  ? 0.0946 0.0880 0.1152 -0.0022 0.0135  0.0158  1001 TYR A CD1 
9   C  CD1 B TYR A 1  ? 0.1220 0.1444 0.2025 0.0239  -0.0358 -0.0449 1001 TYR A CD1 
10  C  CD2 A TYR A 1  ? 0.0863 0.1268 0.1063 0.0180  0.0099  -0.0282 1001 TYR A CD2 
11  C  CD2 B TYR A 1  ? 0.1693 0.1287 0.1664 0.0220  -0.0388 -0.0502 1001 TYR A CD2 
12  C  CE1 A TYR A 1  ? 0.1022 0.0907 0.1271 0.0004  0.0010  0.0129  1001 TYR A CE1 
13  C  CE1 B TYR A 1  ? 0.1527 0.1643 0.2368 0.0416  -0.0471 -0.0686 1001 TYR A CE1 
14  C  CE2 A TYR A 1  ? 0.1134 0.1300 0.1223 0.0255  -0.0099 -0.0347 1001 TYR A CE2 
15  C  CE2 B TYR A 1  ? 0.1654 0.1168 0.2164 0.0169  -0.0698 -0.0555 1001 TYR A CE2 
16  C  CZ  A TYR A 1  ? 0.1075 0.1024 0.1131 0.0115  -0.0057 -0.0020 1001 TYR A CZ  
17  C  CZ  B TYR A 1  ? 0.2376 0.1579 0.1934 -0.0056 -0.0571 -0.0806 1001 TYR A CZ  
18  O  OH  A TYR A 1  ? 0.1276 0.1312 0.1209 0.0134  -0.0187 -0.0042 1001 TYR A OH  
19  O  OH  B TYR A 1  ? 0.2259 0.1556 0.3628 0.0330  -0.0665 -0.1420 1001 TYR A OH  
20  N  N   . CYS A 2  ? 0.0986 0.1013 0.0746 -0.0138 0.0220  -0.0218 1002 CYS A N   
21  C  CA  . CYS A 2  ? 0.0822 0.0916 0.0645 0.0006  0.0128  -0.0082 1002 CYS A CA  
22  C  C   . CYS A 2  ? 0.0743 0.0741 0.0591 -0.0050 0.0021  -0.0030 1002 CYS A C   
23  O  O   . CYS A 2  ? 0.0997 0.0708 0.0799 0.0004  0.0217  0.0002  1002 CYS A O   
24  C  CB  . CYS A 2  ? 0.0789 0.0912 0.0725 0.0035  0.0175  -0.0069 1002 CYS A CB  
25  S  SG  . CYS A 2  ? 0.0901 0.0893 0.0832 0.0086  0.0066  -0.0045 1002 CYS A SG  
26  N  N   . GLN A 3  ? 0.0750 0.0691 0.0595 0.0041  0.0042  0.0100  1003 GLN A N   
27  C  CA  . GLN A 3  ? 0.0716 0.0795 0.0582 0.0058  0.0023  0.0033  1003 GLN A CA  
28  C  C   . GLN A 3  ? 0.0629 0.0657 0.0602 0.0076  0.0035  0.0005  1003 GLN A C   
29  O  O   . GLN A 3  ? 0.0710 0.0843 0.0635 -0.0030 0.0067  -0.0038 1003 GLN A O   
30  C  CB  . GLN A 3  ? 0.0767 0.0859 0.0655 0.0094  0.0048  0.0069  1003 GLN A CB  
31  C  CG  . GLN A 3  ? 0.0942 0.0924 0.0673 0.0260  -0.0029 -0.0062 1003 GLN A CG  
32  C  CD  . GLN A 3  ? 0.1034 0.1064 0.0914 0.0264  -0.0344 -0.0164 1003 GLN A CD  
33  O  OE1 . GLN A 3  ? 0.1360 0.1167 0.1273 0.0229  -0.0262 -0.0418 1003 GLN A OE1 
34  N  NE2 . GLN A 3  ? 0.1143 0.1140 0.1040 0.0091  -0.0194 -0.0111 1003 GLN A NE2 
35  N  N   . LYS A 4  ? 0.0691 0.0750 0.0574 -0.0045 0.0025  0.0037  1004 LYS A N   
36  C  CA  . LYS A 4  ? 0.0743 0.0756 0.0613 -0.0038 0.0032  0.0024  1004 LYS A CA  
37  C  C   . LYS A 4  ? 0.0785 0.0723 0.0613 -0.0044 0.0034  0.0046  1004 LYS A C   
38  O  O   . LYS A 4  ? 0.0831 0.0753 0.0584 0.0025  0.0074  0.0043  1004 LYS A O   
39  C  CB  . LYS A 4  ? 0.0761 0.0672 0.0674 -0.0014 -0.0063 -0.0039 1004 LYS A CB  
40  C  CG  . LYS A 4  ? 0.0884 0.0764 0.0804 -0.0002 0.0042  -0.0025 1004 LYS A CG  
41  C  CD  . LYS A 4  ? 0.0830 0.0900 0.0996 -0.0060 0.0015  -0.0064 1004 LYS A CD  
42  C  CE  . LYS A 4  ? 0.0892 0.1113 0.1239 -0.0030 0.0122  -0.0187 1004 LYS A CE  
43  N  NZ  . LYS A 4  ? 0.0906 0.0943 0.1001 0.0158  -0.0066 -0.0120 1004 LYS A NZ  
44  N  N   . TRP A 5  ? 0.0903 0.0824 0.0610 0.0067  -0.0024 -0.0033 1005 TRP A N   
45  C  CA  . TRP A 5  ? 0.0993 0.0792 0.0622 0.0037  0.0048  0.0013  1005 TRP A CA  
46  C  C   . TRP A 5  ? 0.1002 0.0882 0.0500 0.0079  0.0009  0.0035  1005 TRP A C   
47  O  O   . TRP A 5  ? 0.1020 0.0997 0.0710 0.0006  -0.0038 0.0157  1005 TRP A O   
48  C  CB  . TRP A 5  ? 0.0998 0.1001 0.0619 0.0056  0.0015  -0.0031 1005 TRP A CB  
49  C  CG  . TRP A 5  ? 0.1136 0.1074 0.0658 0.0056  -0.0069 -0.0148 1005 TRP A CG  
50  C  CD1 . TRP A 5  ? 0.1729 0.1150 0.0859 -0.0204 0.0057  -0.0269 1005 TRP A CD1 
51  C  CD2 . TRP A 5  ? 0.1176 0.1339 0.0636 0.0157  -0.0065 -0.0057 1005 TRP A CD2 
52  N  NE1 . TRP A 5  ? 0.1939 0.1216 0.1054 0.0092  0.0002  -0.0410 1005 TRP A NE1 
53  C  CE2 . TRP A 5  ? 0.1499 0.1407 0.0820 0.0298  -0.0085 -0.0211 1005 TRP A CE2 
54  C  CE3 . TRP A 5  ? 0.1562 0.1350 0.0930 0.0121  0.0217  -0.0143 1005 TRP A CE3 
55  C  CZ2 . TRP A 5  ? 0.2026 0.1613 0.0920 0.0443  0.0085  -0.0340 1005 TRP A CZ2 
56  C  CZ3 . TRP A 5  ? 0.2159 0.1735 0.1169 0.0136  0.0595  -0.0035 1005 TRP A CZ3 
57  C  CH2 . TRP A 5  ? 0.2320 0.1864 0.1022 0.0313  0.0403  -0.0133 1005 TRP A CH2 
58  N  N   . MET A 6  ? 0.1130 0.0856 0.0577 0.0163  0.0096  0.0044  1006 MET A N   
59  C  CA  . MET A 6  ? 0.1091 0.1200 0.0698 0.0273  0.0103  0.0076  1006 MET A CA  
60  C  C   . MET A 6  ? 0.0925 0.1343 0.0708 0.0148  0.0127  0.0180  1006 MET A C   
61  O  O   . MET A 6  ? 0.0955 0.2390 0.0897 0.0193  0.0177  -0.0005 1006 MET A O   
62  C  CB  . MET A 6  ? 0.1224 0.1986 0.0859 0.0432  0.0335  0.0272  1006 MET A CB  
63  C  CG  . MET A 6  ? 0.1671 0.3251 0.0803 0.0644  0.0028  0.0014  1006 MET A CG  
64  S  SD  . MET A 6  ? 0.2809 0.3187 0.2636 0.0516  0.0340  -0.1681 1006 MET A SD  
65  C  CE  . MET A 6  ? 0.3417 0.3799 0.7393 -0.0381 -0.0914 0.0219  1006 MET A CE  
66  N  N   . TRP A 7  ? 0.0852 0.0998 0.0614 0.0113  0.0040  0.0132  1007 TRP A N   
67  C  CA  . TRP A 7  ? 0.0760 0.0975 0.0716 0.0009  -0.0007 0.0173  1007 TRP A CA  
68  C  C   . TRP A 7  ? 0.0718 0.0981 0.0618 0.0034  0.0091  0.0110  1007 TRP A C   
69  O  O   . TRP A 7  ? 0.0794 0.0932 0.0831 0.0034  -0.0022 0.0109  1007 TRP A O   
70  C  CB  . TRP A 7  ? 0.0747 0.0928 0.0642 -0.0010 -0.0065 0.0138  1007 TRP A CB  
71  C  CG  . TRP A 7  ? 0.0689 0.0934 0.0763 -0.0070 -0.0095 0.0195  1007 TRP A CG  
72  C  CD1 . TRP A 7  ? 0.0849 0.0872 0.0780 -0.0042 -0.0091 0.0114  1007 TRP A CD1 
73  C  CD2 . TRP A 7  ? 0.0708 0.0986 0.0734 -0.0039 0.0002  0.0149  1007 TRP A CD2 
74  N  NE1 . TRP A 7  ? 0.0861 0.0892 0.0821 -0.0099 -0.0035 0.0200  1007 TRP A NE1 
75  C  CE2 . TRP A 7  ? 0.0602 0.0967 0.0790 -0.0047 -0.0027 0.0151  1007 TRP A CE2 
76  C  CE3 . TRP A 7  ? 0.1156 0.1012 0.0763 0.0155  0.0048  0.0135  1007 TRP A CE3 
77  C  CZ2 . TRP A 7  ? 0.0930 0.0944 0.1054 0.0098  0.0134  0.0122  1007 TRP A CZ2 
78  C  CZ3 . TRP A 7  ? 0.1693 0.1099 0.0892 0.0286  0.0052  -0.0018 1007 TRP A CZ3 
79  C  CH2 . TRP A 7  ? 0.1424 0.1038 0.1109 0.0470  0.0135  0.0015  1007 TRP A CH2 
80  N  N   . THR A 8  ? 0.0756 0.0942 0.0865 -0.0052 -0.0012 0.0213  1008 THR A N   
81  C  CA  . THR A 8  ? 0.0764 0.0953 0.0772 0.0064  0.0097  0.0220  1008 THR A CA  
82  C  C   . THR A 8  ? 0.0880 0.0803 0.0672 0.0117  0.0115  -0.0001 1008 THR A C   
83  O  O   . THR A 8  ? 0.1014 0.0828 0.0996 0.0220  0.0233  0.0061  1008 THR A O   
84  C  CB  . THR A 8  ? 0.0863 0.1375 0.0877 0.0151  0.0024  0.0194  1008 THR A CB  
85  O  OG1 . THR A 8  ? 0.1310 0.1359 0.1556 -0.0122 -0.0522 0.0106  1008 THR A OG1 
86  C  CG2 . THR A 8  ? 0.0697 0.2369 0.1360 0.0104  0.0077  0.0726  1008 THR A CG2 
87  N  N   . CYS A 9  ? 0.0757 0.0756 0.0681 0.0089  0.0121  0.0053  1009 CYS A N   
88  C  CA  . CYS A 9  ? 0.0742 0.0762 0.0634 0.0105  0.0119  -0.0008 1009 CYS A CA  
89  C  C   . CYS A 9  ? 0.0663 0.0814 0.0699 0.0123  0.0094  -0.0020 1009 CYS A C   
90  O  O   . CYS A 9  ? 0.0755 0.0833 0.0724 0.0214  0.0106  0.0067  1009 CYS A O   
91  C  CB  . CYS A 9  ? 0.0704 0.0993 0.0716 0.0122  0.0003  0.0052  1009 CYS A CB  
92  S  SG  . CYS A 9  ? 0.0795 0.1030 0.0839 0.0053  0.0091  -0.0088 1009 CYS A SG  
93  N  N   . ASP A 10 ? 0.0745 0.0829 0.0679 0.0101  0.0054  0.0024  1010 ASP A N   
94  C  CA  . ASP A 10 ? 0.0830 0.0845 0.0680 0.0104  -0.0013 -0.0025 1010 ASP A CA  
95  C  C   . ASP A 10 ? 0.0831 0.0884 0.0730 -0.0011 -0.0035 0.0122  1010 ASP A C   
96  O  O   . ASP A 10 ? 0.0804 0.1021 0.0727 0.0036  0.0102  0.0107  1010 ASP A O   
97  C  CB  . ASP A 10 ? 0.0711 0.0882 0.0836 0.0140  0.0018  0.0089  1010 ASP A CB  
98  C  CG  . ASP A 10 ? 0.0713 0.0881 0.0914 0.0026  -0.0018 0.0096  1010 ASP A CG  
99  O  OD1 . ASP A 10 ? 0.0816 0.0986 0.1114 0.0133  -0.0083 -0.0110 1010 ASP A OD1 
100 O  OD2 . ASP A 10 ? 0.0796 0.0929 0.1009 -0.0048 -0.0133 0.0039  1010 ASP A OD2 
101 N  N   . SER A 11 ? 0.1113 0.1040 0.0789 0.0009  0.0030  0.0265  1011 SER A N   
102 C  CA  . SER A 11 ? 0.1206 0.1212 0.0820 -0.0148 0.0090  0.0187  1011 SER A CA  
103 C  C   . SER A 11 ? 0.1133 0.1510 0.0866 0.0101  0.0289  0.0239  1011 SER A C   
104 O  O   . SER A 11 ? 0.1258 0.2290 0.1958 0.0234  0.0647  0.0686  1011 SER A O   
105 C  CB  . SER A 11 ? 0.2068 0.1463 0.1344 0.0373  0.0440  0.0676  1011 SER A CB  
106 O  OG  . SER A 11 ? 0.3125 0.1603 0.1981 0.0380  0.0533  0.0572  1011 SER A OG  
107 N  N   . GLU A 12 ? 0.1332 0.1363 0.0694 0.0339  0.0140  -0.0002 1012 GLU A N   
108 C  CA  . GLU A 12 ? 0.2305 0.1709 0.0734 0.0734  0.0149  -0.0085 1012 GLU A CA  
109 C  C   . GLU A 12 ? 0.1314 0.1401 0.0885 0.0357  0.0120  -0.0057 1012 GLU A C   
110 O  O   . GLU A 12 ? 0.1678 0.1516 0.1264 0.0589  0.0351  -0.0045 1012 GLU A O   
111 C  CB  . GLU A 12 ? 0.3326 0.2684 0.0929 0.0447  -0.0552 -0.0400 1012 GLU A CB  
112 C  CG  . GLU A 12 ? 0.3063 0.2848 0.1215 0.0245  0.0022  0.0115  1012 GLU A CG  
113 C  CD  . GLU A 12 ? 0.3303 0.2414 0.2478 0.0458  0.0693  -0.1270 1012 GLU A CD  
114 O  OE1 . GLU A 12 ? 0.3641 0.3509 0.1840 0.0663  -0.0316 -0.1133 1012 GLU A OE1 
115 O  OE2 . GLU A 12 ? 0.3371 0.3850 0.2501 0.1280  -0.0211 -0.0750 1012 GLU A OE2 
116 N  N   . ARG A 13 ? 0.1216 0.1323 0.0639 0.0381  -0.0066 -0.0073 1013 ARG A N   
117 C  CA  . ARG A 13 ? 0.1142 0.1171 0.0719 0.0335  -0.0210 -0.0067 1013 ARG A CA  
118 C  C   . ARG A 13 ? 0.0855 0.0948 0.0594 0.0251  -0.0025 0.0099  1013 ARG A C   
119 O  O   . ARG A 13 ? 0.0912 0.1101 0.0689 0.0252  0.0030  -0.0011 1013 ARG A O   
120 C  CB  . ARG A 13 ? 0.1097 0.1388 0.1049 0.0115  -0.0446 0.0029  1013 ARG A CB  
121 C  CG  . ARG A 13 ? 0.1317 0.1259 0.2186 0.0079  -0.0627 -0.0011 1013 ARG A CG  
122 C  CD  . ARG A 13 ? 0.1244 0.1424 0.1891 0.0411  -0.0439 -0.0577 1013 ARG A CD  
123 N  NE  . ARG A 13 ? 0.1057 0.1047 0.1387 0.0180  -0.0460 -0.0276 1013 ARG A NE  
124 C  CZ  . ARG A 13 ? 0.0946 0.1117 0.0996 0.0272  -0.0350 -0.0284 1013 ARG A CZ  
125 N  NH1 . ARG A 13 ? 0.1146 0.1080 0.1377 0.0296  -0.0419 -0.0325 1013 ARG A NH1 
126 N  NH2 . ARG A 13 ? 0.0730 0.1105 0.2178 0.0205  -0.0467 -0.0521 1013 ARG A NH2 
127 N  N   . LYS A 14 ? 0.0876 0.1086 0.0676 0.0147  0.0037  -0.0090 1014 LYS A N   
128 C  CA  . LYS A 14 ? 0.0883 0.0900 0.0733 0.0041  0.0095  0.0025  1014 LYS A CA  
129 C  C   . LYS A 14 ? 0.0763 0.0738 0.0657 -0.0004 0.0147  -0.0045 1014 LYS A C   
130 O  O   . LYS A 14 ? 0.1028 0.0743 0.0725 0.0046  0.0149  -0.0027 1014 LYS A O   
131 C  CB  . LYS A 14 ? 0.1021 0.1132 0.0840 -0.0124 0.0201  0.0055  1014 LYS A CB  
132 C  CG  . LYS A 14 ? 0.1388 0.1695 0.0921 -0.0230 0.0065  0.0314  1014 LYS A CG  
133 C  CD  . LYS A 14 ? 0.1557 0.2449 0.1372 -0.0217 0.0255  0.0691  1014 LYS A CD  
134 C  CE  . LYS A 14 ? 0.2206 0.2985 0.1193 -0.0482 0.0177  0.0621  1014 LYS A CE  
135 N  NZ  . LYS A 14 ? 0.2531 0.5129 0.2272 -0.0271 0.0743  0.0985  1014 LYS A NZ  
136 N  N   . CYS A 15 ? 0.0774 0.0666 0.0730 -0.0005 0.0068  -0.0042 1015 CYS A N   
137 C  CA  . CYS A 15 ? 0.0843 0.0706 0.0642 -0.0017 0.0098  -0.0070 1015 CYS A CA  
138 C  C   . CYS A 15 ? 0.0812 0.0719 0.0670 -0.0062 0.0140  -0.0037 1015 CYS A C   
139 O  O   . CYS A 15 ? 0.0738 0.0853 0.0753 -0.0032 0.0173  -0.0045 1015 CYS A O   
140 C  CB  . CYS A 15 ? 0.0869 0.0771 0.0680 0.0005  0.0096  -0.0073 1015 CYS A CB  
141 S  SG  . CYS A 15 ? 0.0957 0.0918 0.0870 0.0113  0.0175  -0.0028 1015 CYS A SG  
142 N  N   . CYS A 16 ? 0.0680 0.0776 0.0699 0.0019  0.0121  -0.0036 1016 CYS A N   
143 C  CA  . CYS A 16 ? 0.0769 0.0834 0.0777 0.0092  0.0088  -0.0053 1016 CYS A CA  
144 C  C   . CYS A 16 ? 0.0831 0.0961 0.0768 0.0044  0.0059  -0.0122 1016 CYS A C   
145 O  O   . CYS A 16 ? 0.0895 0.1059 0.0946 0.0021  0.0065  -0.0257 1016 CYS A O   
146 C  CB  . CYS A 16 ? 0.0904 0.0973 0.0789 0.0129  0.0067  0.0033  1016 CYS A CB  
147 S  SG  . CYS A 16 ? 0.0949 0.0921 0.0893 0.0077  0.0089  0.0019  1016 CYS A SG  
148 N  N   . GLU A 17 ? 0.0846 0.1060 0.0778 0.0048  0.0042  -0.0159 1017 GLU A N   
149 C  CA  . GLU A 17 ? 0.0814 0.1233 0.0875 -0.0060 0.0170  -0.0078 1017 GLU A CA  
150 C  C   . GLU A 17 ? 0.0819 0.1251 0.0960 -0.0025 -0.0037 -0.0121 1017 GLU A C   
151 O  O   . GLU A 17 ? 0.1232 0.1508 0.0833 -0.0104 0.0013  -0.0098 1017 GLU A O   
152 C  CB  . GLU A 17 ? 0.1092 0.1342 0.1029 0.0104  0.0120  -0.0144 1017 GLU A CB  
153 C  CG  . GLU A 17 ? 0.1015 0.1914 0.1247 0.0041  0.0264  -0.0058 1017 GLU A CG  
154 C  CD  . GLU A 17 ? 0.1391 0.1987 0.1595 0.0273  0.0082  -0.0069 1017 GLU A CD  
155 O  OE1 . GLU A 17 ? 0.2388 0.3589 0.2181 0.1261  -0.1042 -0.0779 1017 GLU A OE1 
156 O  OE2 . GLU A 17 ? 0.1365 0.2068 0.1773 0.0502  0.0045  -0.0251 1017 GLU A OE2 
157 N  N   . GLY A 18 ? 0.0933 0.1329 0.1078 -0.0032 -0.0006 -0.0354 1018 GLY A N   
158 C  CA  . GLY A 18 ? 0.1035 0.1403 0.1084 -0.0031 0.0024  -0.0250 1018 GLY A CA  
159 C  C   . GLY A 18 ? 0.1081 0.1264 0.1058 -0.0132 -0.0071 -0.0408 1018 GLY A C   
160 O  O   . GLY A 18 ? 0.1162 0.1841 0.1204 0.0073  -0.0183 -0.0665 1018 GLY A O   
161 N  N   . MET A 19 ? 0.0981 0.1240 0.0896 -0.0089 0.0000  -0.0294 1019 MET A N   
162 C  CA  . MET A 19 ? 0.0958 0.1075 0.0900 -0.0107 0.0113  -0.0195 1019 MET A CA  
163 C  C   . MET A 19 ? 0.0841 0.1240 0.0978 -0.0123 0.0134  -0.0078 1019 MET A C   
164 O  O   . MET A 19 ? 0.1334 0.1380 0.1082 -0.0010 0.0355  0.0031  1019 MET A O   
165 C  CB  . MET A 19 ? 0.0947 0.1145 0.0922 -0.0155 -0.0065 -0.0173 1019 MET A CB  
166 C  CG  . MET A 19 ? 0.1222 0.1347 0.0916 -0.0163 -0.0093 -0.0158 1019 MET A CG  
167 S  SD  . MET A 19 ? 0.1198 0.1382 0.1140 -0.0169 0.0196  -0.0182 1019 MET A SD  
168 C  CE  . MET A 19 ? 0.1464 0.1962 0.1143 -0.0568 0.0284  -0.0364 1019 MET A CE  
169 N  N   . VAL A 20 ? 0.0851 0.1235 0.0989 -0.0095 0.0076  -0.0070 1020 VAL A N   
170 C  CA  . VAL A 20 ? 0.0960 0.1118 0.1263 -0.0203 0.0078  -0.0029 1020 VAL A CA  
171 C  C   . VAL A 20 ? 0.0966 0.0767 0.1133 -0.0154 0.0028  -0.0038 1020 VAL A C   
172 O  O   . VAL A 20 ? 0.1110 0.0920 0.1131 -0.0098 0.0142  -0.0022 1020 VAL A O   
173 C  CB  . VAL A 20 ? 0.1336 0.1287 0.1956 -0.0591 -0.0296 0.0116  1020 VAL A CB  
174 C  CG1 . VAL A 20 ? 0.1686 0.1248 0.2118 -0.0371 -0.0221 -0.0205 1020 VAL A CG1 
175 C  CG2 . VAL A 20 ? 0.2154 0.1370 0.2390 -0.0488 -0.0295 0.0300  1020 VAL A CG2 
176 N  N   . CYS A 21 ? 0.0966 0.0963 0.1179 -0.0085 0.0040  0.0110  1021 CYS A N   
177 C  CA  . CYS A 21 ? 0.0968 0.0859 0.1212 -0.0001 0.0030  0.0067  1021 CYS A CA  
178 C  C   . CYS A 21 ? 0.1150 0.0901 0.1242 -0.0047 0.0016  -0.0012 1021 CYS A C   
179 O  O   . CYS A 21 ? 0.1466 0.0908 0.1877 -0.0019 0.0239  0.0128  1021 CYS A O   
180 C  CB  . CYS A 21 ? 0.1078 0.0927 0.1247 0.0019  0.0028  0.0110  1021 CYS A CB  
181 S  SG  . CYS A 21 ? 0.1045 0.1021 0.1251 0.0168  -0.0021 0.0052  1021 CYS A SG  
182 N  N   . ARG A 22 ? 0.1012 0.0927 0.1336 0.0070  0.0094  -0.0190 1022 ARG A N   
183 C  CA  . ARG A 22 ? 0.1262 0.1020 0.1415 0.0169  0.0075  -0.0276 1022 ARG A CA  
184 C  C   . ARG A 22 ? 0.1089 0.1037 0.1145 0.0322  0.0129  -0.0271 1022 ARG A C   
185 O  O   . ARG A 22 ? 0.1218 0.1247 0.1084 0.0228  0.0096  -0.0258 1022 ARG A O   
186 C  CB  . ARG A 22 ? 0.1677 0.1530 0.1470 0.0008  -0.0105 -0.0439 1022 ARG A CB  
187 C  CG  . ARG A 22 ? 0.1840 0.2303 0.2111 -0.0279 -0.0004 -0.0376 1022 ARG A CG  
188 C  CD  . ARG A 22 ? 0.2472 0.2479 0.2407 -0.0098 -0.0605 -0.0421 1022 ARG A CD  
189 N  NE  . ARG A 22 ? 0.1869 0.2521 0.2395 0.0053  -0.0099 -0.0334 1022 ARG A NE  
190 C  CZ  . ARG A 22 ? 0.1660 0.3740 0.2559 0.0438  0.0488  -0.0033 1022 ARG A CZ  
191 N  NH1 . ARG A 22 ? 0.1820 0.4395 0.2672 0.0627  0.0663  0.0317  1022 ARG A NH1 
192 N  NH2 . ARG A 22 ? 0.1564 0.3676 0.3058 -0.0303 0.0045  0.0203  1022 ARG A NH2 
193 N  N   . LEU A 23 ? 0.0997 0.0969 0.1130 0.0192  0.0148  -0.0187 1023 LEU A N   
194 C  CA  . LEU A 23 ? 0.0899 0.1071 0.0936 0.0276  0.0012  -0.0145 1023 LEU A CA  
195 C  C   . LEU A 23 ? 0.0731 0.1076 0.0686 0.0268  0.0164  -0.0109 1023 LEU A C   
196 O  O   . LEU A 23 ? 0.0764 0.1054 0.0706 0.0260  0.0034  -0.0112 1023 LEU A O   
197 C  CB  . LEU A 23 ? 0.0991 0.1023 0.0930 0.0244  0.0092  -0.0164 1023 LEU A CB  
198 C  CG  . LEU A 23 ? 0.1097 0.1126 0.1276 0.0369  -0.0049 -0.0185 1023 LEU A CG  
199 C  CD1 . LEU A 23 ? 0.1394 0.1327 0.1579 0.0631  0.0011  -0.0366 1023 LEU A CD1 
200 C  CD2 . LEU A 23 ? 0.1270 0.1272 0.1344 0.0466  -0.0152 -0.0210 1023 LEU A CD2 
201 N  N   . TRP A 24 ? 0.0842 0.0987 0.0733 0.0191  0.0059  -0.0179 1024 TRP A N   
202 C  CA  . TRP A 24 ? 0.0781 0.1033 0.0672 0.0133  0.0069  -0.0071 1024 TRP A CA  
203 C  C   . TRP A 24 ? 0.0838 0.0952 0.0642 0.0173  0.0109  -0.0254 1024 TRP A C   
204 O  O   . TRP A 24 ? 0.0928 0.0931 0.1006 0.0218  0.0012  -0.0234 1024 TRP A O   
205 C  CB  . TRP A 24 ? 0.0840 0.1216 0.0872 0.0231  0.0148  0.0057  1024 TRP A CB  
206 C  CG  . TRP A 24 ? 0.0901 0.1395 0.0688 0.0189  0.0120  -0.0029 1024 TRP A CG  
207 C  CD1 . TRP A 24 ? 0.0912 0.1509 0.1148 -0.0011 0.0335  0.0076  1024 TRP A CD1 
208 C  CD2 . TRP A 24 ? 0.1030 0.1605 0.0754 0.0297  0.0161  -0.0004 1024 TRP A CD2 
209 N  NE1 . TRP A 24 ? 0.0939 0.1922 0.1463 -0.0061 0.0397  -0.0071 1024 TRP A NE1 
210 C  CE2 . TRP A 24 ? 0.0859 0.2071 0.0859 0.0225  0.0271  0.0059  1024 TRP A CE2 
211 C  CE3 . TRP A 24 ? 0.1196 0.1645 0.1015 0.0304  0.0216  -0.0033 1024 TRP A CE3 
212 C  CZ2 . TRP A 24 ? 0.0791 0.2513 0.1100 0.0252  0.0312  0.0113  1024 TRP A CZ2 
213 C  CZ3 . TRP A 24 ? 0.1447 0.1775 0.1598 0.0511  0.0539  -0.0163 1024 TRP A CZ3 
214 C  CH2 . TRP A 24 ? 0.1050 0.2600 0.1269 0.0481  0.0373  0.0057  1024 TRP A CH2 
215 N  N   . CYS A 25 ? 0.0689 0.0876 0.0760 0.0061  0.0056  -0.0125 1025 CYS A N   
216 C  CA  . CYS A 25 ? 0.0667 0.0775 0.0709 0.0039  0.0031  -0.0016 1025 CYS A CA  
217 C  C   . CYS A 25 ? 0.0725 0.0844 0.0724 0.0131  0.0033  -0.0062 1025 CYS A C   
218 O  O   . CYS A 25 ? 0.1013 0.1262 0.0783 -0.0081 0.0020  0.0051  1025 CYS A O   
219 C  CB  . CYS A 25 ? 0.0649 0.0840 0.0800 0.0043  0.0138  -0.0050 1025 CYS A CB  
220 S  SG  . CYS A 25 ? 0.0867 0.0933 0.0751 0.0081  0.0045  -0.0123 1025 CYS A SG  
221 N  N   . LYS A 26 ? 0.1003 0.0920 0.0696 -0.0035 0.0013  -0.0135 1026 LYS A N   
222 C  CA  . LYS A 26 ? 0.0961 0.1300 0.0893 -0.0049 -0.0024 -0.0399 1026 LYS A CA  
223 C  C   . LYS A 26 ? 0.0921 0.1223 0.0844 -0.0094 -0.0022 -0.0328 1026 LYS A C   
224 O  O   . LYS A 26 ? 0.0915 0.1534 0.0836 -0.0170 0.0037  -0.0345 1026 LYS A O   
225 C  CB  . LYS A 26 ? 0.1737 0.1486 0.1572 0.0112  -0.0095 -0.0718 1026 LYS A CB  
226 C  CG  . LYS A 26 ? 0.1794 0.1841 0.2735 0.0442  0.0192  -0.0429 1026 LYS A CG  
227 N  N   . LYS A 27 ? 0.0980 0.1271 0.0870 -0.0142 -0.0015 -0.0222 1027 LYS A N   
228 C  CA  . LYS A 27 ? 0.0997 0.1517 0.1143 -0.0174 -0.0115 -0.0293 1027 LYS A CA  
229 C  C   . LYS A 27 ? 0.1158 0.1509 0.0994 -0.0290 0.0066  -0.0494 1027 LYS A C   
230 O  O   . LYS A 27 ? 0.1808 0.1572 0.1624 -0.0373 0.0610  -0.0699 1027 LYS A O   
231 C  CB  . LYS A 27 ? 0.1050 0.2296 0.1295 0.0018  -0.0305 -0.0188 1027 LYS A CB  
232 C  CG  . LYS A 27 ? 0.2468 0.2448 0.2398 -0.0243 -0.0151 0.0340  1027 LYS A CG  
233 C  CD  . LYS A 27 ? 0.3489 0.3796 0.2530 0.0115  -0.0620 0.0400  1027 LYS A CD  
234 N  N   . LYS A 28 ? 0.0980 0.1429 0.1151 -0.0221 0.0018  -0.0291 1028 LYS A N   
235 C  CA  . LYS A 28 ? 0.1314 0.1497 0.1438 -0.0257 -0.0041 -0.0121 1028 LYS A CA  
236 C  C   . LYS A 28 ? 0.0820 0.1484 0.1786 -0.0264 0.0034  -0.0263 1028 LYS A C   
237 O  O   . LYS A 28 ? 0.1308 0.1393 0.2641 -0.0089 -0.0503 -0.0528 1028 LYS A O   
238 C  CB  . LYS A 28 ? 0.2207 0.2136 0.1588 -0.0394 0.0223  0.0014  1028 LYS A CB  
239 C  CG  . LYS A 28 ? 0.2356 0.2631 0.1694 -0.0752 0.0023  -0.0347 1028 LYS A CG  
240 C  CD  . LYS A 28 ? 0.2795 0.3557 0.1765 -0.1041 0.0434  -0.0091 1028 LYS A CD  
241 C  CE  . LYS A 28 ? 0.3865 0.3021 0.1911 -0.1532 0.0249  -0.0307 1028 LYS A CE  
242 N  NZ  . LYS A 28 ? 0.3790 0.2701 0.1960 -0.1187 0.0372  -0.0275 1028 LYS A NZ  
243 N  N   . LEU A 29 ? 0.0862 0.1266 0.1312 -0.0122 0.0149  0.0089  1029 LEU A N   
244 C  CA  . LEU A 29 ? 0.1006 0.1284 0.1120 -0.0216 0.0184  0.0156  1029 LEU A CA  
245 C  C   . LEU A 29 ? 0.0833 0.0944 0.1062 -0.0157 0.0027  0.0042  1029 LEU A C   
246 O  O   . LEU A 29 ? 0.1001 0.1096 0.1046 -0.0143 -0.0074 0.0133  1029 LEU A O   
247 C  CB  . LEU A 29 ? 0.1885 0.1563 0.0972 -0.0197 0.0119  -0.0139 1029 LEU A CB  
248 C  CG  . LEU A 29 ? 0.2906 0.2378 0.1462 0.0500  0.0673  0.0268  1029 LEU A CG  
249 C  CD1 . LEU A 29 ? 0.5176 0.2918 0.1341 0.1713  0.0595  -0.0254 1029 LEU A CD1 
250 C  CD2 . LEU A 29 ? 0.3301 0.2700 0.1822 0.0602  0.0824  0.0628  1029 LEU A CD2 
251 N  N   . TRP A 30 ? 0.0713 0.1006 0.0969 -0.0110 0.0041  0.0067  1030 TRP A N   
252 C  CA  . TRP A 30 ? 0.0778 0.0918 0.0915 0.0034  0.0050  0.0081  1030 TRP A CA  
253 C  C   . TRP A 30 ? 0.0825 0.1040 0.0882 -0.0121 -0.0040 -0.0067 1030 TRP A C   
254 O  O   . TRP A 30 ? 0.0905 0.1151 0.1026 -0.0066 -0.0076 0.0036  1030 TRP A O   
255 C  CB  . TRP A 30 ? 0.0706 0.0878 0.0922 0.0058  0.0089  0.0066  1030 TRP A CB  
256 C  CG  . TRP A 30 ? 0.0677 0.0861 0.0837 -0.0060 0.0024  0.0091  1030 TRP A CG  
257 C  CD1 . TRP A 30 ? 0.0847 0.0997 0.0842 -0.0068 0.0053  0.0123  1030 TRP A CD1 
258 C  CD2 . TRP A 30 ? 0.0656 0.0920 0.0818 0.0014  0.0024  0.0082  1030 TRP A CD2 
259 N  NE1 . TRP A 30 ? 0.0993 0.0881 0.0909 -0.0106 0.0094  0.0161  1030 TRP A NE1 
260 C  CE2 . TRP A 30 ? 0.0858 0.0962 0.0852 -0.0045 0.0059  0.0167  1030 TRP A CE2 
261 C  CE3 . TRP A 30 ? 0.1108 0.1029 0.0884 0.0114  -0.0030 0.0137  1030 TRP A CE3 
262 C  CZ2 . TRP A 30 ? 0.1268 0.0931 0.1163 -0.0059 -0.0092 -0.0025 1030 TRP A CZ2 
263 C  CZ3 . TRP A 30 ? 0.1482 0.1285 0.0902 0.0266  -0.0152 0.0019  1030 TRP A CZ3 
264 C  CH2 . TRP A 30 ? 0.1454 0.1266 0.0970 0.0269  -0.0126 -0.0117 1030 TRP A CH2 
265 O  OXT . TRP A 30 ? 0.1058 0.1322 0.0935 0.0065  0.0103  0.0053  1030 TRP A OXT 
266 CL CL  . CL  B .  ? 0.0582 0.0826 0.1327 -0.0136 0.0012  0.0110  1101 CL  A CL  
267 CL CL  . CL  C .  ? 0.2362 0.1316 0.1466 -0.0496 0.0972  -0.0289 1102 CL  A CL  
268 C  C1  . EDO D .  ? 0.4789 0.4392 0.2620 -0.0416 -0.0606 0.0611  1103 EDO A C1  
269 O  O1  . EDO D .  ? 0.7543 0.4984 0.4370 -0.0229 -0.1208 -0.0407 1103 EDO A O1  
270 C  C2  A EDO D .  ? 0.3263 0.3891 0.3135 -0.0145 0.0350  0.0020  1103 EDO A C2  
271 O  O2  A EDO D .  ? 0.4829 0.2243 0.1815 0.0142  -0.0567 -0.0756 1103 EDO A O2  
272 C  C1  . EDO E .  ? 0.4275 0.2333 0.2072 0.1448  -0.0042 0.1087  1104 EDO A C1  
273 O  O1  . EDO E .  ? 0.7133 0.3675 0.5242 0.1239  -0.2104 0.0772  1104 EDO A O1  
274 C  C2  . EDO E .  ? 0.4653 0.2362 0.1629 0.2113  -0.0930 0.0148  1104 EDO A C2  
275 O  O2  . EDO E .  ? 0.5817 0.7645 0.6349 0.0107  -0.0631 0.0452  1104 EDO A O2  
276 O  O   . HOH F .  ? 0.7601 0.9523 0.7569 -0.3725 0.2372  -0.1371 1201 HOH A O   
277 O  O   . HOH F .  ? 0.9601 1.2710 1.0896 -0.6221 0.6447  -0.9511 1202 HOH A O   
278 O  O   . HOH F .  ? 0.2837 0.3430 0.8865 -0.1023 0.0840  0.0968  1203 HOH A O   
279 O  O   . HOH F .  ? 0.1678 0.1972 0.1088 -0.0659 -0.0204 0.0122  1204 HOH A O   
280 O  O   . HOH F .  ? 0.3418 0.3633 0.3433 0.1410  -0.1749 -0.2122 1205 HOH A O   
281 O  O   . HOH F .  ? 0.6279 0.3137 0.4038 0.1383  -0.1720 -0.0424 1206 HOH A O   
282 O  O   . HOH F .  ? 0.3064 0.1985 0.3983 0.0743  -0.2210 -0.1278 1207 HOH A O   
283 O  O   . HOH F .  ? 0.3113 0.2838 0.6398 0.0660  -0.2049 -0.2375 1208 HOH A O   
284 O  O   . HOH F .  ? 0.3661 0.1678 0.2066 -0.0117 -0.0656 0.0243  1209 HOH A O   
285 O  O   . HOH F .  ? 0.6965 0.3063 0.5376 -0.0481 -0.0989 0.1444  1210 HOH A O   
286 O  O   . HOH F .  ? 0.3552 0.1866 0.1940 0.0870  0.1194  0.0477  1211 HOH A O   
287 O  O   . HOH F .  ? 0.1105 0.1358 0.1192 -0.0287 -0.0063 0.0209  1212 HOH A O   
288 O  O   . HOH F .  ? 0.1708 0.1237 0.1349 0.0104  0.0662  -0.0199 1213 HOH A O   
289 O  O   . HOH F .  ? 0.4247 0.3379 0.7158 -0.2254 -0.1344 0.0445  1214 HOH A O   
290 O  O   . HOH F .  ? 0.1574 0.4722 0.3038 -0.0078 -0.0123 0.0266  1215 HOH A O   
291 O  O   . HOH F .  ? 0.2626 0.1499 0.1534 -0.0406 0.0440  0.0024  1216 HOH A O   
292 O  O   . HOH F .  ? 0.1143 0.1105 0.1106 0.0018  -0.0139 -0.0203 1217 HOH A O   
293 O  O   . HOH F .  ? 0.4506 0.5420 1.0977 -0.2086 -0.0005 0.0035  1218 HOH A O   
294 O  O   . HOH F .  ? 0.2405 0.3333 0.4146 -0.0896 -0.0866 0.1680  1219 HOH A O   
295 O  O   . HOH F .  ? 0.1709 0.1335 0.1690 -0.0024 0.0019  0.0120  1220 HOH A O   
296 O  O   . HOH F .  ? 0.1183 0.1935 0.1356 0.0437  -0.0002 -0.0123 1221 HOH A O   
297 O  O   . HOH F .  ? 0.2071 0.1153 0.1852 0.0340  0.0789  -0.0295 1222 HOH A O   
298 O  O   . HOH F .  ? 0.2749 0.7658 0.3532 0.1253  0.1170  0.2718  1223 HOH A O   
299 O  O   . HOH F .  ? 0.4026 0.2098 0.2293 -0.0871 0.0650  -0.0003 1224 HOH A O   
300 O  O   . HOH F .  ? 0.1981 0.1670 0.7506 -0.0096 0.1080  -0.0291 1225 HOH A O   
301 O  O   . HOH F .  ? 0.8734 0.6488 1.5553 -0.3485 -0.2641 0.2418  1226 HOH A O   
302 O  O   . HOH F .  ? 0.3016 0.4835 0.6817 -0.2174 0.1157  0.0466  1227 HOH A O   
303 O  O   . HOH F .  ? 0.7525 0.3414 0.7845 0.0759  0.1110  -0.1677 1228 HOH A O   
304 O  O   . HOH F .  ? 0.6723 0.5365 0.7348 0.0134  -0.1507 0.1021  1229 HOH A O   
305 O  O   . HOH F .  ? 1.1611 2.5222 0.7411 0.8086  0.3297  -0.1803 1230 HOH A O   
306 O  O   . HOH F .  ? 0.9167 0.6440 0.6932 -0.2587 -0.2547 0.3430  1231 HOH A O   
307 O  O   . HOH F .  ? 0.3054 0.2948 0.2299 -0.0147 -0.0278 -0.0642 1232 HOH A O   
308 O  O   . HOH F .  ? 0.2566 0.3044 0.0806 0.2410  0.0290  0.0121  1233 HOH A O   
309 O  O   . HOH F .  ? 0.3817 0.3857 0.4677 -0.0944 0.1276  -0.0735 1234 HOH A O   
310 O  O   . HOH F .  ? 0.4863 0.3236 0.3331 -0.0001 -0.1240 0.0254  1235 HOH A O   
311 O  O   . HOH F .  ? 0.7153 0.9102 0.7938 0.2005  0.3477  0.0210  1236 HOH A O   
312 O  O   . HOH F .  ? 0.2048 0.2183 0.3058 -0.0269 0.0259  0.0449  1237 HOH A O   
313 O  O   . HOH F .  ? 0.4057 0.5214 0.3396 -0.2480 0.1518  -0.1702 1238 HOH A O   
314 O  O   . HOH F .  ? 0.5915 0.6613 0.4547 -0.3030 -0.1872 0.1019  1239 HOH A O   
315 O  O   . HOH F .  ? 1.4115 0.5851 1.1251 -0.1471 0.2580  0.6579  1240 HOH A O   
316 O  O   . HOH F .  ? 0.4591 0.1836 0.2710 0.0313  0.0226  0.0048  1241 HOH A O   
317 O  O   . HOH F .  ? 0.8122 0.2814 0.4604 0.0949  0.1630  -0.0009 1242 HOH A O   
318 O  O   . HOH F .  ? 0.1075 0.1954 0.1542 0.0342  -0.0009 0.0498  1243 HOH A O   
319 O  O   . HOH F .  ? 0.8404 0.9847 1.0431 -0.3718 0.0121  0.1539  1244 HOH A O   
320 O  O   . HOH F .  ? 0.4338 0.3043 0.3023 -0.1853 0.0806  -0.0584 1245 HOH A O   
321 O  O   . HOH F .  ? 0.1854 0.5027 0.0889 0.1047  -0.0167 -0.0279 1246 HOH A O   
322 O  O   . HOH F .  ? 0.1909 0.2711 0.7175 -0.0248 -0.1058 0.1840  1247 HOH A O   
323 O  O   . HOH F .  ? 0.8117 1.0241 1.3959 -0.1334 -0.5145 0.0459  1248 HOH A O   
324 O  O   . HOH F .  ? 0.4203 0.3090 0.8172 -0.1321 -0.2797 0.1768  1249 HOH A O   
325 O  O   . HOH F .  ? 1.9321 1.4814 1.1538 0.2885  -0.0282 1.0939  1250 HOH A O   
326 O  O   . HOH F .  ? 1.3684 0.8829 0.6627 -0.0211 0.0853  0.1322  1251 HOH A O   
327 O  O   . HOH F .  ? 0.7655 0.9139 0.8948 -0.1719 0.4815  -0.0525 1252 HOH A O   
328 O  O   . HOH F .  ? 0.2379 0.3902 0.8753 -0.0100 -0.1069 0.2858  1253 HOH A O   
329 O  O   . HOH F .  ? 0.3164 0.5778 0.6780 0.1404  0.0163  -0.3129 1254 HOH A O   
# 
